data_1YSM
#
_entry.id   1YSM
#
_entity_poly.entity_id   1
_entity_poly.type   'polypeptide(L)'
_entity_poly.pdbx_seq_one_letter_code
;MASVLEELQKDLEEVKVLLEKSTRKRLRDTLTSEKSKIETELKNKMQQKSQKKPELDNEKPAAVVAPLTTGYTVKIS
;
_entity_poly.pdbx_strand_id   A
#
# COMPACT_ATOMS: atom_id res chain seq x y z
N MET A 1 0.94 -12.43 -9.64
CA MET A 1 0.82 -11.05 -10.06
C MET A 1 -0.58 -10.54 -9.73
N ALA A 2 -1.60 -11.23 -10.24
CA ALA A 2 -2.98 -10.95 -9.88
C ALA A 2 -3.16 -10.99 -8.36
N SER A 3 -2.46 -11.92 -7.71
CA SER A 3 -2.30 -11.99 -6.28
C SER A 3 -1.86 -10.64 -5.70
N VAL A 4 -0.68 -10.19 -6.12
CA VAL A 4 -0.08 -8.94 -5.67
C VAL A 4 -1.08 -7.79 -5.88
N LEU A 5 -1.59 -7.64 -7.11
CA LEU A 5 -2.57 -6.61 -7.44
C LEU A 5 -3.76 -6.67 -6.48
N GLU A 6 -4.35 -7.87 -6.29
CA GLU A 6 -5.46 -8.08 -5.38
C GLU A 6 -5.12 -7.59 -3.97
N GLU A 7 -3.98 -8.03 -3.42
CA GLU A 7 -3.57 -7.65 -2.08
C GLU A 7 -3.40 -6.13 -1.97
N LEU A 8 -2.70 -5.51 -2.91
CA LEU A 8 -2.53 -4.07 -2.93
C LEU A 8 -3.90 -3.38 -2.99
N GLN A 9 -4.78 -3.82 -3.88
CA GLN A 9 -6.12 -3.28 -4.01
C GLN A 9 -6.90 -3.41 -2.70
N LYS A 10 -6.83 -4.58 -2.05
CA LYS A 10 -7.49 -4.83 -0.78
C LYS A 10 -6.98 -3.84 0.27
N ASP A 11 -5.66 -3.72 0.41
CA ASP A 11 -5.06 -2.77 1.35
C ASP A 11 -5.54 -1.34 1.04
N LEU A 12 -5.51 -0.96 -0.24
CA LEU A 12 -5.98 0.33 -0.70
C LEU A 12 -7.46 0.53 -0.35
N GLU A 13 -8.28 -0.51 -0.49
CA GLU A 13 -9.69 -0.44 -0.10
C GLU A 13 -9.82 -0.19 1.40
N GLU A 14 -9.08 -0.95 2.22
CA GLU A 14 -9.05 -0.71 3.66
C GLU A 14 -8.64 0.74 3.95
N VAL A 15 -7.61 1.24 3.25
CA VAL A 15 -7.23 2.65 3.33
C VAL A 15 -8.43 3.53 3.04
N LYS A 16 -9.09 3.40 1.88
CA LYS A 16 -10.25 4.23 1.55
C LYS A 16 -11.27 4.21 2.70
N VAL A 17 -11.66 3.02 3.15
CA VAL A 17 -12.59 2.87 4.27
C VAL A 17 -12.09 3.68 5.49
N LEU A 18 -10.83 3.49 5.89
CA LEU A 18 -10.25 4.24 6.99
C LEU A 18 -10.30 5.75 6.74
N LEU A 19 -9.95 6.22 5.54
CA LEU A 19 -9.96 7.64 5.20
C LEU A 19 -11.38 8.17 5.42
N GLU A 20 -12.37 7.51 4.83
CA GLU A 20 -13.77 7.90 4.91
C GLU A 20 -14.22 7.99 6.36
N LYS A 21 -14.06 6.89 7.13
CA LYS A 21 -14.47 6.85 8.52
C LYS A 21 -13.73 7.93 9.32
N SER A 22 -12.40 7.96 9.20
CA SER A 22 -11.52 8.82 9.96
C SER A 22 -11.34 10.15 9.25
N THR A 23 -12.46 10.76 8.86
CA THR A 23 -12.51 12.05 8.18
C THR A 23 -11.94 13.18 9.05
N ARG A 24 -11.83 12.92 10.36
CA ARG A 24 -11.27 13.84 11.33
C ARG A 24 -9.74 13.91 11.18
N LYS A 25 -9.25 14.50 10.09
CA LYS A 25 -7.85 14.74 9.71
C LYS A 25 -6.96 13.50 9.52
N ARG A 26 -7.15 12.46 10.33
CA ARG A 26 -6.52 11.14 10.28
C ARG A 26 -6.24 10.66 8.85
N LEU A 27 -7.13 10.95 7.90
CA LEU A 27 -6.94 10.66 6.48
C LEU A 27 -5.50 10.91 6.05
N ARG A 28 -4.99 12.11 6.38
CA ARG A 28 -3.66 12.56 5.96
C ARG A 28 -2.61 11.56 6.43
N ASP A 29 -2.60 11.29 7.74
CA ASP A 29 -1.69 10.37 8.39
C ASP A 29 -1.77 9.00 7.71
N THR A 30 -2.99 8.47 7.63
CA THR A 30 -3.30 7.17 7.06
C THR A 30 -2.73 7.07 5.65
N LEU A 31 -3.12 8.01 4.79
CA LEU A 31 -2.73 8.08 3.40
C LEU A 31 -1.20 8.09 3.32
N THR A 32 -0.56 9.07 3.95
CA THR A 32 0.89 9.23 3.85
C THR A 32 1.60 7.94 4.26
N SER A 33 1.29 7.44 5.45
CA SER A 33 1.94 6.24 5.96
C SER A 33 1.68 5.04 5.06
N GLU A 34 0.41 4.67 4.88
CA GLU A 34 0.05 3.43 4.22
C GLU A 34 0.37 3.47 2.73
N LYS A 35 0.15 4.60 2.03
CA LYS A 35 0.52 4.70 0.62
C LYS A 35 1.99 4.35 0.43
N SER A 36 2.86 4.85 1.33
CA SER A 36 4.27 4.50 1.27
C SER A 36 4.45 2.97 1.30
N LYS A 37 3.78 2.29 2.23
CA LYS A 37 3.84 0.83 2.34
C LYS A 37 3.33 0.17 1.05
N ILE A 38 2.17 0.58 0.55
CA ILE A 38 1.59 0.06 -0.70
C ILE A 38 2.63 0.16 -1.81
N GLU A 39 3.15 1.37 -2.05
CA GLU A 39 4.15 1.61 -3.09
C GLU A 39 5.39 0.75 -2.86
N THR A 40 5.90 0.71 -1.63
CA THR A 40 7.04 -0.10 -1.25
C THR A 40 6.81 -1.56 -1.63
N GLU A 41 5.66 -2.13 -1.24
CA GLU A 41 5.34 -3.52 -1.54
C GLU A 41 5.21 -3.74 -3.05
N LEU A 42 4.52 -2.85 -3.76
CA LEU A 42 4.46 -2.91 -5.22
C LEU A 42 5.87 -2.99 -5.81
N LYS A 43 6.73 -2.03 -5.46
CA LYS A 43 8.10 -1.96 -5.95
C LYS A 43 8.89 -3.21 -5.59
N ASN A 44 8.80 -3.64 -4.33
CA ASN A 44 9.40 -4.88 -3.84
C ASN A 44 8.99 -6.03 -4.75
N LYS A 45 7.70 -6.33 -4.84
CA LYS A 45 7.18 -7.45 -5.60
C LYS A 45 7.63 -7.37 -7.07
N MET A 46 7.53 -6.20 -7.72
CA MET A 46 7.97 -6.10 -9.11
C MET A 46 9.48 -6.39 -9.24
N GLN A 47 10.30 -5.70 -8.47
CA GLN A 47 11.76 -5.81 -8.60
C GLN A 47 12.31 -7.14 -8.07
N GLN A 48 11.58 -7.78 -7.15
CA GLN A 48 12.00 -8.93 -6.36
C GLN A 48 12.92 -9.90 -7.11
N LYS A 49 12.48 -10.36 -8.29
CA LYS A 49 13.27 -11.23 -9.14
C LYS A 49 14.23 -10.38 -9.99
N SER A 50 13.73 -9.85 -11.12
CA SER A 50 14.40 -8.91 -12.01
C SER A 50 15.88 -9.22 -12.31
N GLN A 51 16.29 -10.50 -12.27
CA GLN A 51 17.69 -10.92 -12.38
C GLN A 51 18.60 -10.10 -11.45
N LYS A 52 18.10 -9.77 -10.25
CA LYS A 52 18.78 -8.91 -9.30
C LYS A 52 20.05 -9.62 -8.79
N LYS A 53 21.17 -8.89 -8.71
CA LYS A 53 22.40 -9.42 -8.18
C LYS A 53 22.21 -9.73 -6.69
N PRO A 54 22.76 -10.84 -6.17
CA PRO A 54 22.61 -11.25 -4.78
C PRO A 54 23.49 -10.37 -3.86
N GLU A 55 23.14 -9.08 -3.75
CA GLU A 55 23.85 -8.13 -2.89
C GLU A 55 23.87 -8.65 -1.45
N MET A 1 0.87 -13.12 -9.93
CA MET A 1 0.89 -11.71 -9.57
C MET A 1 -0.50 -11.24 -9.14
N ALA A 2 -1.55 -11.89 -9.68
CA ALA A 2 -2.94 -11.59 -9.36
C ALA A 2 -3.15 -11.42 -7.85
N SER A 3 -2.65 -12.37 -7.06
CA SER A 3 -2.72 -12.32 -5.61
C SER A 3 -2.14 -11.00 -5.08
N VAL A 4 -0.99 -10.58 -5.60
CA VAL A 4 -0.33 -9.36 -5.18
C VAL A 4 -1.24 -8.17 -5.50
N LEU A 5 -1.73 -8.11 -6.74
CA LEU A 5 -2.66 -7.06 -7.15
C LEU A 5 -3.87 -7.01 -6.22
N GLU A 6 -4.48 -8.16 -5.94
CA GLU A 6 -5.61 -8.27 -5.03
C GLU A 6 -5.23 -7.70 -3.65
N GLU A 7 -4.10 -8.14 -3.08
CA GLU A 7 -3.65 -7.64 -1.78
C GLU A 7 -3.50 -6.11 -1.81
N LEU A 8 -2.78 -5.57 -2.80
CA LEU A 8 -2.60 -4.13 -2.92
C LEU A 8 -3.96 -3.43 -3.03
N GLN A 9 -4.86 -3.97 -3.84
CA GLN A 9 -6.20 -3.43 -4.01
C GLN A 9 -6.96 -3.43 -2.68
N LYS A 10 -6.92 -4.54 -1.93
CA LYS A 10 -7.55 -4.60 -0.62
C LYS A 10 -6.94 -3.55 0.30
N ASP A 11 -5.61 -3.42 0.32
CA ASP A 11 -4.92 -2.42 1.11
C ASP A 11 -5.46 -1.02 0.77
N LEU A 12 -5.50 -0.69 -0.53
CA LEU A 12 -6.07 0.55 -1.06
C LEU A 12 -7.49 0.74 -0.52
N GLU A 13 -8.35 -0.25 -0.73
CA GLU A 13 -9.73 -0.24 -0.25
C GLU A 13 -9.78 0.07 1.25
N GLU A 14 -8.92 -0.58 2.03
CA GLU A 14 -8.89 -0.39 3.48
C GLU A 14 -8.57 1.07 3.81
N VAL A 15 -7.49 1.63 3.26
CA VAL A 15 -7.20 3.05 3.52
C VAL A 15 -8.36 3.93 3.05
N LYS A 16 -8.91 3.69 1.85
CA LYS A 16 -10.02 4.48 1.35
C LYS A 16 -11.18 4.48 2.35
N VAL A 17 -11.61 3.28 2.79
CA VAL A 17 -12.66 3.12 3.79
C VAL A 17 -12.31 3.88 5.07
N LEU A 18 -11.16 3.60 5.67
CA LEU A 18 -10.78 4.22 6.93
C LEU A 18 -10.71 5.75 6.81
N LEU A 19 -10.16 6.26 5.71
CA LEU A 19 -10.06 7.67 5.44
C LEU A 19 -11.47 8.28 5.35
N GLU A 20 -12.33 7.66 4.54
CA GLU A 20 -13.70 8.10 4.33
C GLU A 20 -14.45 8.21 5.66
N LYS A 21 -14.35 7.17 6.49
CA LYS A 21 -15.07 7.11 7.76
C LYS A 21 -14.39 7.98 8.84
N SER A 22 -13.12 7.71 9.10
CA SER A 22 -12.37 8.26 10.21
C SER A 22 -11.83 9.66 9.89
N THR A 23 -12.73 10.61 9.62
CA THR A 23 -12.40 11.95 9.15
C THR A 23 -11.64 12.84 10.17
N ARG A 24 -11.13 12.28 11.25
CA ARG A 24 -10.59 13.03 12.37
C ARG A 24 -9.10 13.28 12.14
N LYS A 25 -8.77 14.07 11.11
CA LYS A 25 -7.41 14.50 10.74
C LYS A 25 -6.54 13.38 10.16
N ARG A 26 -6.57 12.18 10.76
CA ARG A 26 -5.72 11.05 10.43
C ARG A 26 -5.74 10.64 8.95
N LEU A 27 -6.71 11.14 8.16
CA LEU A 27 -6.77 10.98 6.72
C LEU A 27 -5.38 11.12 6.11
N ARG A 28 -4.69 12.23 6.41
CA ARG A 28 -3.41 12.55 5.80
C ARG A 28 -2.36 11.50 6.19
N ASP A 29 -2.22 11.27 7.50
CA ASP A 29 -1.25 10.34 8.07
C ASP A 29 -1.46 8.95 7.47
N THR A 30 -2.71 8.49 7.52
CA THR A 30 -3.14 7.21 7.00
C THR A 30 -2.83 7.13 5.50
N LEU A 31 -3.23 8.14 4.72
CA LEU A 31 -3.00 8.17 3.28
C LEU A 31 -1.52 8.02 2.99
N THR A 32 -0.70 8.93 3.51
CA THR A 32 0.74 8.92 3.25
C THR A 32 1.35 7.58 3.63
N SER A 33 1.09 7.12 4.87
CA SER A 33 1.62 5.85 5.36
C SER A 33 1.21 4.69 4.45
N GLU A 34 -0.10 4.53 4.20
CA GLU A 34 -0.58 3.39 3.45
C GLU A 34 -0.09 3.46 2.00
N LYS A 35 -0.15 4.65 1.37
CA LYS A 35 0.42 4.85 0.05
C LYS A 35 1.86 4.37 0.03
N SER A 36 2.67 4.82 1.00
CA SER A 36 4.05 4.37 1.10
C SER A 36 4.13 2.84 1.17
N LYS A 37 3.39 2.20 2.08
CA LYS A 37 3.34 0.74 2.19
C LYS A 37 3.00 0.09 0.84
N ILE A 38 1.91 0.49 0.22
CA ILE A 38 1.42 -0.03 -1.06
C ILE A 38 2.54 0.07 -2.10
N GLU A 39 3.07 1.29 -2.31
CA GLU A 39 4.13 1.51 -3.29
C GLU A 39 5.36 0.68 -2.97
N THR A 40 5.77 0.63 -1.70
CA THR A 40 6.91 -0.16 -1.25
C THR A 40 6.70 -1.62 -1.62
N GLU A 41 5.56 -2.20 -1.23
CA GLU A 41 5.21 -3.57 -1.56
C GLU A 41 5.28 -3.79 -3.08
N LEU A 42 4.54 -2.99 -3.85
CA LEU A 42 4.51 -3.10 -5.31
C LEU A 42 5.94 -3.09 -5.87
N LYS A 43 6.73 -2.07 -5.56
CA LYS A 43 8.06 -1.89 -6.12
C LYS A 43 9.03 -2.98 -5.66
N ASN A 44 8.92 -3.40 -4.39
CA ASN A 44 9.63 -4.54 -3.85
C ASN A 44 9.32 -5.80 -4.65
N LYS A 45 8.03 -6.07 -4.89
CA LYS A 45 7.61 -7.23 -5.65
C LYS A 45 8.09 -7.12 -7.10
N MET A 46 8.16 -5.91 -7.66
CA MET A 46 8.80 -5.73 -8.97
C MET A 46 10.28 -6.12 -8.91
N GLN A 47 11.05 -5.56 -7.97
CA GLN A 47 12.50 -5.76 -7.97
C GLN A 47 13.17 -5.48 -6.62
N GLN A 48 12.86 -6.28 -5.59
CA GLN A 48 13.57 -6.29 -4.31
C GLN A 48 15.08 -6.24 -4.51
N LYS A 49 15.58 -7.11 -5.41
CA LYS A 49 16.96 -7.05 -5.89
C LYS A 49 17.10 -5.84 -6.82
N SER A 50 17.00 -4.63 -6.26
CA SER A 50 16.90 -3.39 -7.01
C SER A 50 18.23 -3.00 -7.63
N GLN A 51 18.67 -3.75 -8.64
CA GLN A 51 19.84 -3.48 -9.46
C GLN A 51 21.11 -3.38 -8.60
N LYS A 52 21.10 -4.01 -7.42
CA LYS A 52 22.20 -3.97 -6.46
C LYS A 52 23.30 -4.96 -6.87
N LYS A 53 23.87 -4.75 -8.06
CA LYS A 53 24.88 -5.62 -8.64
C LYS A 53 26.14 -4.80 -8.97
N PRO A 54 26.90 -4.35 -7.95
CA PRO A 54 28.14 -3.61 -8.15
C PRO A 54 29.26 -4.55 -8.59
N GLU A 55 29.09 -5.23 -9.72
CA GLU A 55 30.07 -6.19 -10.23
C GLU A 55 31.35 -5.46 -10.61
N MET A 1 1.32 -13.34 -8.82
CA MET A 1 1.31 -11.91 -8.57
C MET A 1 -0.12 -11.41 -8.36
N ALA A 2 -1.10 -12.06 -9.00
CA ALA A 2 -2.51 -11.73 -8.87
C ALA A 2 -2.91 -11.54 -7.40
N SER A 3 -2.51 -12.51 -6.54
CA SER A 3 -2.74 -12.43 -5.11
C SER A 3 -2.20 -11.11 -4.53
N VAL A 4 -0.98 -10.73 -4.92
CA VAL A 4 -0.36 -9.51 -4.44
C VAL A 4 -1.21 -8.32 -4.89
N LEU A 5 -1.54 -8.25 -6.18
CA LEU A 5 -2.37 -7.17 -6.71
C LEU A 5 -3.68 -7.06 -5.93
N GLU A 6 -4.37 -8.19 -5.74
CA GLU A 6 -5.60 -8.26 -4.96
C GLU A 6 -5.38 -7.69 -3.55
N GLU A 7 -4.36 -8.18 -2.84
CA GLU A 7 -4.07 -7.70 -1.49
C GLU A 7 -3.79 -6.20 -1.47
N LEU A 8 -2.93 -5.69 -2.35
CA LEU A 8 -2.64 -4.27 -2.43
C LEU A 8 -3.93 -3.49 -2.71
N GLN A 9 -4.72 -3.92 -3.68
CA GLN A 9 -6.01 -3.31 -4.00
C GLN A 9 -6.92 -3.30 -2.78
N LYS A 10 -6.98 -4.41 -2.03
CA LYS A 10 -7.77 -4.47 -0.82
C LYS A 10 -7.25 -3.48 0.22
N ASP A 11 -5.94 -3.42 0.43
CA ASP A 11 -5.34 -2.47 1.36
C ASP A 11 -5.72 -1.03 0.97
N LEU A 12 -5.70 -0.75 -0.34
CA LEU A 12 -6.19 0.51 -0.89
C LEU A 12 -7.68 0.68 -0.57
N GLU A 13 -8.50 -0.36 -0.75
CA GLU A 13 -9.92 -0.25 -0.42
C GLU A 13 -10.09 0.12 1.06
N GLU A 14 -9.34 -0.57 1.93
CA GLU A 14 -9.32 -0.29 3.35
C GLU A 14 -8.93 1.17 3.59
N VAL A 15 -7.87 1.66 2.93
CA VAL A 15 -7.49 3.06 3.08
C VAL A 15 -8.64 3.97 2.70
N LYS A 16 -9.30 3.75 1.56
CA LYS A 16 -10.46 4.57 1.18
C LYS A 16 -11.53 4.54 2.27
N VAL A 17 -11.94 3.33 2.68
CA VAL A 17 -12.95 3.15 3.72
C VAL A 17 -12.60 3.98 4.96
N LEU A 18 -11.38 3.82 5.48
CA LEU A 18 -10.93 4.57 6.64
C LEU A 18 -10.91 6.06 6.38
N LEU A 19 -10.36 6.47 5.22
CA LEU A 19 -10.28 7.87 4.79
C LEU A 19 -11.66 8.53 4.86
N GLU A 20 -12.68 7.82 4.36
CA GLU A 20 -14.05 8.29 4.44
C GLU A 20 -14.51 8.34 5.90
N LYS A 21 -14.51 7.19 6.58
CA LYS A 21 -15.12 7.04 7.89
C LYS A 21 -14.43 7.85 8.98
N SER A 22 -13.14 7.63 9.19
CA SER A 22 -12.41 8.17 10.33
C SER A 22 -11.91 9.59 10.01
N THR A 23 -12.81 10.49 9.63
CA THR A 23 -12.57 11.82 9.07
C THR A 23 -11.87 12.86 9.96
N ARG A 24 -10.90 12.47 10.79
CA ARG A 24 -10.02 13.38 11.50
C ARG A 24 -8.79 13.67 10.64
N LYS A 25 -7.86 14.50 11.15
CA LYS A 25 -6.55 14.69 10.51
C LYS A 25 -5.82 13.37 10.26
N ARG A 26 -6.20 12.32 11.01
CA ARG A 26 -5.75 10.95 10.87
C ARG A 26 -5.73 10.50 9.40
N LEU A 27 -6.66 11.00 8.58
CA LEU A 27 -6.65 10.84 7.13
C LEU A 27 -5.26 11.01 6.54
N ARG A 28 -4.57 12.11 6.87
CA ARG A 28 -3.25 12.41 6.32
C ARG A 28 -2.29 11.28 6.63
N ASP A 29 -2.18 10.95 7.92
CA ASP A 29 -1.29 9.91 8.42
C ASP A 29 -1.58 8.59 7.73
N THR A 30 -2.85 8.18 7.78
CA THR A 30 -3.32 6.92 7.21
C THR A 30 -2.98 6.85 5.72
N LEU A 31 -3.40 7.86 4.96
CA LEU A 31 -3.16 7.93 3.52
C LEU A 31 -1.67 7.78 3.26
N THR A 32 -0.85 8.65 3.87
CA THR A 32 0.57 8.66 3.64
C THR A 32 1.18 7.29 3.95
N SER A 33 0.88 6.75 5.13
CA SER A 33 1.42 5.47 5.57
C SER A 33 1.07 4.37 4.57
N GLU A 34 -0.23 4.20 4.29
CA GLU A 34 -0.69 3.12 3.46
C GLU A 34 -0.14 3.27 2.04
N LYS A 35 -0.24 4.48 1.48
CA LYS A 35 0.30 4.79 0.16
C LYS A 35 1.77 4.39 0.10
N SER A 36 2.57 4.85 1.07
CA SER A 36 3.99 4.53 1.11
C SER A 36 4.20 3.01 1.12
N LYS A 37 3.57 2.29 2.04
CA LYS A 37 3.65 0.83 2.09
C LYS A 37 3.31 0.22 0.73
N ILE A 38 2.12 0.53 0.20
CA ILE A 38 1.65 -0.02 -1.07
C ILE A 38 2.69 0.20 -2.16
N GLU A 39 3.09 1.46 -2.38
CA GLU A 39 4.08 1.82 -3.39
C GLU A 39 5.38 1.03 -3.18
N THR A 40 5.88 1.03 -1.95
CA THR A 40 7.11 0.34 -1.59
C THR A 40 7.03 -1.15 -1.94
N GLU A 41 5.99 -1.84 -1.47
CA GLU A 41 5.79 -3.26 -1.71
C GLU A 41 5.69 -3.52 -3.22
N LEU A 42 4.80 -2.80 -3.90
CA LEU A 42 4.58 -2.92 -5.33
C LEU A 42 5.92 -2.80 -6.06
N LYS A 43 6.66 -1.71 -5.82
CA LYS A 43 7.97 -1.52 -6.43
C LYS A 43 8.89 -2.69 -6.10
N ASN A 44 9.10 -3.00 -4.82
CA ASN A 44 9.99 -4.08 -4.38
C ASN A 44 9.72 -5.35 -5.18
N LYS A 45 8.45 -5.77 -5.26
CA LYS A 45 8.07 -6.98 -5.96
C LYS A 45 8.60 -7.02 -7.39
N MET A 46 8.72 -5.88 -8.08
CA MET A 46 9.25 -5.86 -9.45
C MET A 46 10.66 -6.43 -9.51
N GLN A 47 11.47 -6.18 -8.48
CA GLN A 47 12.85 -6.62 -8.41
C GLN A 47 13.24 -6.83 -6.95
N GLN A 48 13.15 -8.07 -6.46
CA GLN A 48 13.33 -8.35 -5.05
C GLN A 48 14.84 -8.53 -4.80
N LYS A 49 15.56 -7.39 -4.89
CA LYS A 49 17.01 -7.24 -4.93
C LYS A 49 17.43 -7.39 -6.38
N SER A 50 18.44 -8.21 -6.69
CA SER A 50 18.91 -8.48 -8.04
C SER A 50 17.90 -9.34 -8.81
N GLN A 51 16.70 -8.78 -9.06
CA GLN A 51 15.52 -9.44 -9.58
C GLN A 51 15.04 -10.53 -8.62
N LYS A 52 15.79 -11.62 -8.54
CA LYS A 52 15.59 -12.83 -7.74
C LYS A 52 14.27 -13.53 -8.08
N LYS A 53 13.15 -12.90 -7.72
CA LYS A 53 11.81 -13.37 -7.98
C LYS A 53 10.98 -12.15 -8.41
N PRO A 54 11.16 -11.66 -9.64
CA PRO A 54 10.46 -10.51 -10.15
C PRO A 54 8.97 -10.86 -10.30
N GLU A 55 8.11 -10.20 -9.53
CA GLU A 55 6.68 -10.47 -9.48
C GLU A 55 6.40 -11.96 -9.31
N MET A 1 1.85 -13.44 -7.07
CA MET A 1 2.13 -12.06 -7.43
C MET A 1 0.80 -11.32 -7.58
N ALA A 2 -0.07 -11.83 -8.46
CA ALA A 2 -1.44 -11.36 -8.60
C ALA A 2 -2.12 -11.27 -7.22
N SER A 3 -1.94 -12.32 -6.40
CA SER A 3 -2.39 -12.35 -5.02
C SER A 3 -1.94 -11.10 -4.26
N VAL A 4 -0.65 -10.75 -4.38
CA VAL A 4 -0.11 -9.60 -3.68
C VAL A 4 -0.78 -8.32 -4.21
N LEU A 5 -0.91 -8.19 -5.53
CA LEU A 5 -1.63 -7.05 -6.11
C LEU A 5 -3.03 -6.94 -5.50
N GLU A 6 -3.77 -8.05 -5.44
CA GLU A 6 -5.09 -8.06 -4.82
C GLU A 6 -5.03 -7.67 -3.34
N GLU A 7 -4.07 -8.19 -2.58
CA GLU A 7 -3.89 -7.81 -1.18
C GLU A 7 -3.68 -6.29 -1.07
N LEU A 8 -2.79 -5.72 -1.88
CA LEU A 8 -2.56 -4.29 -1.89
C LEU A 8 -3.85 -3.53 -2.27
N GLN A 9 -4.59 -4.00 -3.27
CA GLN A 9 -5.85 -3.40 -3.66
C GLN A 9 -6.86 -3.43 -2.51
N LYS A 10 -6.95 -4.55 -1.80
CA LYS A 10 -7.79 -4.68 -0.62
C LYS A 10 -7.36 -3.65 0.43
N ASP A 11 -6.05 -3.56 0.72
CA ASP A 11 -5.53 -2.55 1.64
C ASP A 11 -5.94 -1.14 1.19
N LEU A 12 -5.79 -0.84 -0.10
CA LEU A 12 -6.25 0.40 -0.71
C LEU A 12 -7.73 0.62 -0.40
N GLU A 13 -8.56 -0.39 -0.61
CA GLU A 13 -9.98 -0.34 -0.27
C GLU A 13 -10.15 0.09 1.20
N GLU A 14 -9.43 -0.55 2.12
CA GLU A 14 -9.47 -0.13 3.52
C GLU A 14 -9.12 1.35 3.67
N VAL A 15 -8.01 1.84 3.10
CA VAL A 15 -7.68 3.25 3.33
C VAL A 15 -8.73 4.17 2.73
N LYS A 16 -9.22 3.92 1.51
CA LYS A 16 -10.26 4.81 0.98
C LYS A 16 -11.52 4.79 1.85
N VAL A 17 -11.95 3.60 2.30
CA VAL A 17 -13.07 3.46 3.21
C VAL A 17 -12.84 4.29 4.49
N LEU A 18 -11.70 4.08 5.16
CA LEU A 18 -11.37 4.80 6.39
C LEU A 18 -11.30 6.29 6.14
N LEU A 19 -10.70 6.71 5.01
CA LEU A 19 -10.58 8.10 4.60
C LEU A 19 -11.97 8.74 4.52
N GLU A 20 -12.90 8.09 3.82
CA GLU A 20 -14.28 8.56 3.74
C GLU A 20 -14.92 8.63 5.13
N LYS A 21 -14.86 7.52 5.88
CA LYS A 21 -15.57 7.41 7.15
C LYS A 21 -14.90 8.23 8.26
N SER A 22 -13.73 7.79 8.72
CA SER A 22 -13.05 8.37 9.86
C SER A 22 -12.27 9.61 9.42
N THR A 23 -12.99 10.65 8.98
CA THR A 23 -12.44 11.89 8.46
C THR A 23 -11.82 12.80 9.55
N ARG A 24 -11.07 12.20 10.47
CA ARG A 24 -10.23 12.88 11.44
C ARG A 24 -8.83 13.06 10.84
N LYS A 25 -7.91 13.66 11.59
CA LYS A 25 -6.51 13.82 11.19
C LYS A 25 -5.88 12.52 10.70
N ARG A 26 -6.35 11.38 11.21
CA ARG A 26 -5.78 10.08 10.86
C ARG A 26 -5.72 9.84 9.35
N LEU A 27 -6.56 10.52 8.57
CA LEU A 27 -6.45 10.54 7.11
C LEU A 27 -5.02 10.80 6.68
N ARG A 28 -4.39 11.87 7.18
CA ARG A 28 -3.05 12.25 6.73
C ARG A 28 -2.08 11.12 7.04
N ASP A 29 -1.99 10.75 8.32
CA ASP A 29 -1.08 9.72 8.79
C ASP A 29 -1.26 8.43 7.99
N THR A 30 -2.51 7.93 7.97
CA THR A 30 -2.89 6.69 7.34
C THR A 30 -2.56 6.75 5.85
N LEU A 31 -3.05 7.76 5.14
CA LEU A 31 -2.81 7.92 3.71
C LEU A 31 -1.32 7.90 3.44
N THR A 32 -0.56 8.80 4.07
CA THR A 32 0.87 8.93 3.82
C THR A 32 1.56 7.59 4.03
N SER A 33 1.41 7.01 5.23
CA SER A 33 2.09 5.80 5.61
C SER A 33 1.71 4.64 4.68
N GLU A 34 0.40 4.40 4.55
CA GLU A 34 -0.11 3.26 3.82
C GLU A 34 0.20 3.39 2.33
N LYS A 35 -0.01 4.57 1.74
CA LYS A 35 0.37 4.82 0.36
C LYS A 35 1.85 4.48 0.15
N SER A 36 2.72 5.00 1.02
CA SER A 36 4.14 4.70 0.95
C SER A 36 4.38 3.19 0.96
N LYS A 37 3.84 2.48 1.95
CA LYS A 37 3.96 1.03 2.03
C LYS A 37 3.49 0.36 0.73
N ILE A 38 2.26 0.65 0.29
CA ILE A 38 1.68 0.08 -0.91
C ILE A 38 2.64 0.27 -2.09
N GLU A 39 3.04 1.50 -2.38
CA GLU A 39 3.96 1.79 -3.47
C GLU A 39 5.29 1.05 -3.30
N THR A 40 5.85 1.06 -2.09
CA THR A 40 7.09 0.36 -1.78
C THR A 40 6.98 -1.12 -2.15
N GLU A 41 5.96 -1.81 -1.64
CA GLU A 41 5.75 -3.22 -1.91
C GLU A 41 5.51 -3.45 -3.40
N LEU A 42 4.57 -2.71 -3.99
CA LEU A 42 4.23 -2.78 -5.40
C LEU A 42 5.50 -2.71 -6.25
N LYS A 43 6.33 -1.69 -6.01
CA LYS A 43 7.61 -1.55 -6.67
C LYS A 43 8.48 -2.77 -6.40
N ASN A 44 8.72 -3.12 -5.13
CA ASN A 44 9.55 -4.25 -4.73
C ASN A 44 9.24 -5.48 -5.56
N LYS A 45 7.97 -5.89 -5.62
CA LYS A 45 7.59 -7.08 -6.37
C LYS A 45 8.03 -7.05 -7.84
N MET A 46 8.22 -5.89 -8.47
CA MET A 46 8.70 -5.82 -9.85
C MET A 46 10.13 -6.39 -9.97
N GLN A 47 10.97 -6.14 -8.96
CA GLN A 47 12.36 -6.56 -8.91
C GLN A 47 12.72 -6.73 -7.44
N GLN A 48 12.53 -7.94 -6.92
CA GLN A 48 12.60 -8.17 -5.48
C GLN A 48 13.92 -7.72 -4.86
N LYS A 49 13.82 -6.96 -3.76
CA LYS A 49 14.92 -6.26 -3.13
C LYS A 49 14.70 -6.23 -1.63
N SER A 50 15.79 -6.28 -0.85
CA SER A 50 15.74 -6.47 0.59
C SER A 50 14.97 -5.36 1.31
N GLN A 51 15.20 -4.10 0.94
CA GLN A 51 14.55 -2.95 1.55
C GLN A 51 14.56 -1.78 0.56
N LYS A 52 13.97 -0.65 0.97
CA LYS A 52 13.82 0.54 0.14
C LYS A 52 15.14 1.29 0.02
N LYS A 53 16.12 0.67 -0.66
CA LYS A 53 17.40 1.25 -1.05
C LYS A 53 17.59 0.94 -2.53
N PRO A 54 18.43 1.71 -3.25
CA PRO A 54 18.71 1.48 -4.66
C PRO A 54 19.59 0.23 -4.86
N GLU A 55 19.05 -0.94 -4.52
CA GLU A 55 19.75 -2.21 -4.64
C GLU A 55 19.90 -2.55 -6.13
N MET A 1 2.23 -12.96 -8.87
CA MET A 1 2.15 -11.70 -8.15
C MET A 1 0.71 -11.19 -8.05
N ALA A 2 -0.18 -11.72 -8.90
CA ALA A 2 -1.59 -11.36 -8.95
C ALA A 2 -2.20 -11.25 -7.54
N SER A 3 -2.04 -12.30 -6.73
CA SER A 3 -2.51 -12.33 -5.35
C SER A 3 -2.00 -11.14 -4.55
N VAL A 4 -0.73 -10.76 -4.72
CA VAL A 4 -0.16 -9.62 -4.02
C VAL A 4 -0.85 -8.36 -4.50
N LEU A 5 -0.99 -8.18 -5.82
CA LEU A 5 -1.69 -7.03 -6.37
C LEU A 5 -3.11 -6.94 -5.78
N GLU A 6 -3.83 -8.06 -5.74
CA GLU A 6 -5.15 -8.14 -5.14
C GLU A 6 -5.10 -7.68 -3.68
N GLU A 7 -4.18 -8.23 -2.87
CA GLU A 7 -4.03 -7.80 -1.48
C GLU A 7 -3.77 -6.30 -1.38
N LEU A 8 -2.87 -5.75 -2.21
CA LEU A 8 -2.62 -4.31 -2.21
C LEU A 8 -3.88 -3.52 -2.57
N GLN A 9 -4.63 -3.97 -3.58
CA GLN A 9 -5.89 -3.34 -3.96
C GLN A 9 -6.85 -3.35 -2.77
N LYS A 10 -6.98 -4.49 -2.10
CA LYS A 10 -7.82 -4.61 -0.91
C LYS A 10 -7.36 -3.61 0.15
N ASP A 11 -6.07 -3.60 0.47
CA ASP A 11 -5.50 -2.69 1.46
C ASP A 11 -5.85 -1.24 1.11
N LEU A 12 -5.60 -0.84 -0.15
CA LEU A 12 -5.99 0.44 -0.69
C LEU A 12 -7.48 0.69 -0.40
N GLU A 13 -8.33 -0.26 -0.76
CA GLU A 13 -9.77 -0.12 -0.56
C GLU A 13 -10.09 0.17 0.91
N GLU A 14 -9.51 -0.62 1.81
CA GLU A 14 -9.67 -0.43 3.25
C GLU A 14 -9.26 0.99 3.67
N VAL A 15 -8.04 1.44 3.31
CA VAL A 15 -7.61 2.78 3.73
C VAL A 15 -8.52 3.86 3.14
N LYS A 16 -8.94 3.73 1.88
CA LYS A 16 -9.91 4.68 1.30
C LYS A 16 -11.21 4.68 2.10
N VAL A 17 -11.77 3.51 2.38
CA VAL A 17 -12.96 3.39 3.23
C VAL A 17 -12.75 4.13 4.55
N LEU A 18 -11.62 3.90 5.24
CA LEU A 18 -11.30 4.64 6.46
C LEU A 18 -11.17 6.15 6.19
N LEU A 19 -10.55 6.55 5.08
CA LEU A 19 -10.41 7.93 4.66
C LEU A 19 -11.79 8.60 4.63
N GLU A 20 -12.76 7.92 4.00
CA GLU A 20 -14.12 8.39 3.91
C GLU A 20 -14.78 8.44 5.30
N LYS A 21 -14.70 7.36 6.07
CA LYS A 21 -15.44 7.22 7.31
C LYS A 21 -14.81 7.96 8.49
N SER A 22 -13.57 7.62 8.84
CA SER A 22 -12.95 8.10 10.07
C SER A 22 -12.32 9.47 9.84
N THR A 23 -13.16 10.50 9.67
CA THR A 23 -12.76 11.84 9.22
C THR A 23 -12.01 12.68 10.26
N ARG A 24 -11.02 12.10 10.94
CA ARG A 24 -10.08 12.84 11.77
C ARG A 24 -8.87 13.22 10.91
N LYS A 25 -7.99 14.06 11.45
CA LYS A 25 -6.69 14.38 10.85
C LYS A 25 -5.95 13.12 10.36
N ARG A 26 -6.21 11.98 11.00
CA ARG A 26 -5.60 10.70 10.69
C ARG A 26 -5.61 10.39 9.19
N LEU A 27 -6.59 10.90 8.44
CA LEU A 27 -6.61 10.82 6.98
C LEU A 27 -5.20 11.00 6.41
N ARG A 28 -4.54 12.11 6.77
CA ARG A 28 -3.27 12.50 6.18
C ARG A 28 -2.20 11.44 6.51
N ASP A 29 -2.00 11.20 7.80
CA ASP A 29 -0.99 10.29 8.32
C ASP A 29 -1.19 8.91 7.72
N THR A 30 -2.41 8.39 7.88
CA THR A 30 -2.80 7.06 7.44
C THR A 30 -2.57 6.94 5.94
N LEU A 31 -3.11 7.86 5.15
CA LEU A 31 -2.99 7.83 3.70
C LEU A 31 -1.51 7.81 3.31
N THR A 32 -0.73 8.77 3.79
CA THR A 32 0.67 8.88 3.45
C THR A 32 1.41 7.58 3.77
N SER A 33 1.27 7.11 5.02
CA SER A 33 1.94 5.90 5.47
C SER A 33 1.55 4.71 4.61
N GLU A 34 0.25 4.47 4.47
CA GLU A 34 -0.25 3.31 3.76
C GLU A 34 0.15 3.37 2.28
N LYS A 35 0.01 4.54 1.66
CA LYS A 35 0.47 4.77 0.29
C LYS A 35 1.94 4.38 0.19
N SER A 36 2.78 4.88 1.09
CA SER A 36 4.20 4.55 1.08
C SER A 36 4.41 3.02 1.14
N LYS A 37 3.78 2.35 2.10
CA LYS A 37 3.83 0.90 2.21
C LYS A 37 3.41 0.22 0.89
N ILE A 38 2.24 0.55 0.37
CA ILE A 38 1.72 -0.02 -0.86
C ILE A 38 2.75 0.13 -1.98
N GLU A 39 3.22 1.36 -2.23
CA GLU A 39 4.20 1.63 -3.27
C GLU A 39 5.47 0.81 -3.04
N THR A 40 5.99 0.82 -1.82
CA THR A 40 7.18 0.07 -1.45
C THR A 40 6.99 -1.41 -1.81
N GLU A 41 5.91 -2.02 -1.33
CA GLU A 41 5.60 -3.41 -1.60
C GLU A 41 5.52 -3.66 -3.11
N LEU A 42 4.68 -2.90 -3.82
CA LEU A 42 4.50 -3.02 -5.25
C LEU A 42 5.86 -2.97 -5.96
N LYS A 43 6.59 -1.86 -5.80
CA LYS A 43 7.87 -1.63 -6.46
C LYS A 43 8.87 -2.73 -6.11
N ASN A 44 8.94 -3.12 -4.84
CA ASN A 44 9.80 -4.22 -4.40
C ASN A 44 9.44 -5.51 -5.15
N LYS A 45 8.16 -5.88 -5.12
CA LYS A 45 7.68 -7.14 -5.65
C LYS A 45 7.91 -7.23 -7.16
N MET A 46 7.67 -6.15 -7.91
CA MET A 46 8.01 -6.18 -9.33
C MET A 46 9.52 -6.19 -9.56
N GLN A 47 10.28 -5.33 -8.87
CA GLN A 47 11.70 -5.19 -9.13
C GLN A 47 12.48 -6.42 -8.65
N GLN A 48 12.48 -6.64 -7.34
CA GLN A 48 13.27 -7.62 -6.60
C GLN A 48 14.77 -7.42 -6.80
N LYS A 49 15.28 -7.69 -8.00
CA LYS A 49 16.63 -7.33 -8.38
C LYS A 49 16.60 -5.91 -8.98
N SER A 50 17.70 -5.49 -9.61
CA SER A 50 17.89 -4.15 -10.15
C SER A 50 17.14 -3.92 -11.47
N GLN A 51 15.85 -4.28 -11.53
CA GLN A 51 15.01 -3.95 -12.67
C GLN A 51 14.59 -2.48 -12.55
N LYS A 52 15.55 -1.56 -12.67
CA LYS A 52 15.26 -0.14 -12.77
C LYS A 52 14.48 0.11 -14.05
N LYS A 53 14.95 -0.49 -15.15
CA LYS A 53 14.21 -0.55 -16.40
C LYS A 53 12.91 -1.35 -16.17
N PRO A 54 11.80 -0.99 -16.83
CA PRO A 54 10.53 -1.68 -16.70
C PRO A 54 10.63 -3.07 -17.37
N GLU A 55 11.26 -4.01 -16.68
CA GLU A 55 11.41 -5.40 -17.10
C GLU A 55 11.97 -5.45 -18.52
N MET A 1 1.29 -13.28 -9.51
CA MET A 1 1.25 -11.86 -9.22
C MET A 1 -0.17 -11.39 -8.90
N ALA A 2 -1.17 -12.03 -9.53
CA ALA A 2 -2.58 -11.69 -9.36
C ALA A 2 -2.95 -11.55 -7.88
N SER A 3 -2.56 -12.51 -7.06
CA SER A 3 -2.78 -12.48 -5.62
C SER A 3 -2.16 -11.22 -4.98
N VAL A 4 -0.96 -10.85 -5.40
CA VAL A 4 -0.27 -9.68 -4.87
C VAL A 4 -1.09 -8.44 -5.26
N LEU A 5 -1.43 -8.31 -6.55
CA LEU A 5 -2.25 -7.21 -7.04
C LEU A 5 -3.55 -7.12 -6.23
N GLU A 6 -4.23 -8.25 -6.04
CA GLU A 6 -5.44 -8.34 -5.25
C GLU A 6 -5.21 -7.78 -3.84
N GLU A 7 -4.19 -8.29 -3.13
CA GLU A 7 -3.89 -7.82 -1.77
C GLU A 7 -3.60 -6.32 -1.76
N LEU A 8 -2.76 -5.83 -2.67
CA LEU A 8 -2.47 -4.40 -2.74
C LEU A 8 -3.76 -3.60 -2.98
N GLN A 9 -4.60 -4.04 -3.93
CA GLN A 9 -5.88 -3.40 -4.19
C GLN A 9 -6.75 -3.40 -2.93
N LYS A 10 -6.82 -4.53 -2.22
CA LYS A 10 -7.54 -4.59 -0.95
C LYS A 10 -6.98 -3.52 0.00
N ASP A 11 -5.66 -3.43 0.14
CA ASP A 11 -5.07 -2.43 1.01
C ASP A 11 -5.44 -1.01 0.54
N LEU A 12 -5.52 -0.79 -0.78
CA LEU A 12 -6.04 0.42 -1.38
C LEU A 12 -7.46 0.68 -0.86
N GLU A 13 -8.31 -0.34 -0.86
CA GLU A 13 -9.65 -0.23 -0.31
C GLU A 13 -9.57 0.14 1.18
N GLU A 14 -8.71 -0.52 1.94
CA GLU A 14 -8.52 -0.23 3.36
C GLU A 14 -8.17 1.25 3.58
N VAL A 15 -7.14 1.78 2.90
CA VAL A 15 -6.82 3.20 3.06
C VAL A 15 -8.02 4.08 2.71
N LYS A 16 -8.72 3.81 1.59
CA LYS A 16 -9.91 4.59 1.27
C LYS A 16 -10.93 4.56 2.41
N VAL A 17 -11.36 3.35 2.79
CA VAL A 17 -12.33 3.14 3.86
C VAL A 17 -11.92 3.88 5.13
N LEU A 18 -10.70 3.63 5.62
CA LEU A 18 -10.22 4.29 6.84
C LEU A 18 -10.22 5.80 6.67
N LEU A 19 -9.71 6.31 5.55
CA LEU A 19 -9.65 7.74 5.28
C LEU A 19 -11.06 8.36 5.37
N GLU A 20 -12.03 7.74 4.69
CA GLU A 20 -13.41 8.19 4.68
C GLU A 20 -14.00 8.16 6.09
N LYS A 21 -13.92 7.02 6.79
CA LYS A 21 -14.51 6.88 8.11
C LYS A 21 -13.83 7.80 9.12
N SER A 22 -12.50 7.75 9.18
CA SER A 22 -11.67 8.43 10.16
C SER A 22 -11.44 9.88 9.75
N THR A 23 -12.50 10.59 9.38
CA THR A 23 -12.49 11.92 8.77
C THR A 23 -12.09 13.04 9.75
N ARG A 24 -11.31 12.75 10.80
CA ARG A 24 -10.93 13.69 11.84
C ARG A 24 -9.62 14.41 11.47
N LYS A 25 -8.61 13.61 11.10
CA LYS A 25 -7.23 14.04 10.87
C LYS A 25 -6.46 12.87 10.26
N ARG A 26 -6.75 11.66 10.78
CA ARG A 26 -6.21 10.37 10.35
C ARG A 26 -6.14 10.21 8.83
N LEU A 27 -7.01 10.89 8.07
CA LEU A 27 -6.91 10.98 6.61
C LEU A 27 -5.45 11.14 6.18
N ARG A 28 -4.76 12.13 6.76
CA ARG A 28 -3.39 12.46 6.44
C ARG A 28 -2.50 11.24 6.67
N ASP A 29 -2.53 10.75 7.91
CA ASP A 29 -1.66 9.69 8.39
C ASP A 29 -1.83 8.44 7.52
N THR A 30 -3.08 8.02 7.34
CA THR A 30 -3.40 6.85 6.54
C THR A 30 -2.98 7.07 5.10
N LEU A 31 -3.41 8.16 4.46
CA LEU A 31 -3.04 8.47 3.08
C LEU A 31 -1.52 8.32 2.93
N THR A 32 -0.75 9.13 3.66
CA THR A 32 0.70 9.10 3.55
C THR A 32 1.24 7.69 3.82
N SER A 33 1.08 7.21 5.06
CA SER A 33 1.71 5.99 5.51
C SER A 33 1.27 4.78 4.69
N GLU A 34 -0.04 4.61 4.54
CA GLU A 34 -0.60 3.44 3.90
C GLU A 34 -0.29 3.45 2.40
N LYS A 35 -0.44 4.61 1.73
CA LYS A 35 -0.04 4.71 0.33
C LYS A 35 1.46 4.39 0.20
N SER A 36 2.30 4.94 1.07
CA SER A 36 3.72 4.64 1.06
C SER A 36 3.95 3.12 1.17
N LYS A 37 3.30 2.45 2.13
CA LYS A 37 3.39 1.00 2.25
C LYS A 37 2.98 0.32 0.93
N ILE A 38 1.83 0.67 0.35
CA ILE A 38 1.38 0.10 -0.91
C ILE A 38 2.48 0.26 -1.98
N GLU A 39 2.93 1.49 -2.21
CA GLU A 39 3.95 1.78 -3.22
C GLU A 39 5.23 0.97 -2.96
N THR A 40 5.70 0.99 -1.71
CA THR A 40 6.87 0.25 -1.29
C THR A 40 6.72 -1.24 -1.64
N GLU A 41 5.62 -1.86 -1.21
CA GLU A 41 5.42 -3.27 -1.46
C GLU A 41 5.23 -3.56 -2.94
N LEU A 42 4.53 -2.71 -3.70
CA LEU A 42 4.43 -2.85 -5.14
C LEU A 42 5.84 -2.89 -5.75
N LYS A 43 6.65 -1.87 -5.44
CA LYS A 43 8.01 -1.75 -5.97
C LYS A 43 8.85 -2.99 -5.58
N ASN A 44 8.77 -3.40 -4.31
CA ASN A 44 9.42 -4.61 -3.80
C ASN A 44 9.02 -5.82 -4.64
N LYS A 45 7.71 -6.07 -4.74
CA LYS A 45 7.17 -7.23 -5.44
C LYS A 45 7.52 -7.21 -6.92
N MET A 46 7.67 -6.03 -7.53
CA MET A 46 8.24 -5.94 -8.87
C MET A 46 9.72 -6.30 -8.85
N GLN A 47 10.57 -5.41 -8.31
CA GLN A 47 12.02 -5.60 -8.35
C GLN A 47 12.48 -6.34 -7.10
N GLN A 48 12.05 -7.60 -6.97
CA GLN A 48 12.39 -8.44 -5.83
C GLN A 48 13.91 -8.56 -5.72
N LYS A 49 14.46 -8.11 -4.59
CA LYS A 49 15.89 -8.07 -4.31
C LYS A 49 16.63 -7.22 -5.35
N SER A 50 15.91 -6.28 -5.97
CA SER A 50 16.33 -5.48 -7.10
C SER A 50 16.56 -6.25 -8.40
N GLN A 51 17.12 -7.45 -8.34
CA GLN A 51 17.23 -8.34 -9.48
C GLN A 51 16.94 -9.76 -8.98
N LYS A 52 16.43 -10.63 -9.86
CA LYS A 52 16.11 -12.01 -9.52
C LYS A 52 17.39 -12.84 -9.40
N LYS A 53 18.23 -12.50 -8.42
CA LYS A 53 19.49 -13.16 -8.10
C LYS A 53 19.38 -13.75 -6.68
N PRO A 54 20.16 -14.79 -6.36
CA PRO A 54 20.23 -15.36 -5.02
C PRO A 54 20.94 -14.40 -4.07
N GLU A 55 20.30 -13.27 -3.74
CA GLU A 55 20.83 -12.22 -2.90
C GLU A 55 22.23 -11.81 -3.38
N MET A 1 2.23 -11.39 -10.59
CA MET A 1 2.12 -11.00 -9.19
C MET A 1 0.67 -10.67 -8.81
N ALA A 2 -0.28 -11.33 -9.47
CA ALA A 2 -1.72 -11.13 -9.30
C ALA A 2 -2.09 -11.00 -7.83
N SER A 3 -1.72 -11.98 -7.01
CA SER A 3 -1.95 -12.00 -5.57
C SER A 3 -1.53 -10.69 -4.90
N VAL A 4 -0.36 -10.16 -5.28
CA VAL A 4 0.16 -8.92 -4.74
C VAL A 4 -0.75 -7.78 -5.15
N LEU A 5 -1.05 -7.67 -6.45
CA LEU A 5 -1.95 -6.63 -6.94
C LEU A 5 -3.27 -6.67 -6.17
N GLU A 6 -3.86 -7.86 -6.04
CA GLU A 6 -5.11 -8.08 -5.32
C GLU A 6 -5.00 -7.58 -3.88
N GLU A 7 -4.06 -8.11 -3.09
CA GLU A 7 -3.99 -7.74 -1.68
C GLU A 7 -3.70 -6.24 -1.50
N LEU A 8 -2.80 -5.67 -2.31
CA LEU A 8 -2.52 -4.24 -2.24
C LEU A 8 -3.78 -3.44 -2.61
N GLN A 9 -4.49 -3.83 -3.67
CA GLN A 9 -5.77 -3.21 -4.02
C GLN A 9 -6.75 -3.29 -2.85
N LYS A 10 -6.87 -4.45 -2.21
CA LYS A 10 -7.71 -4.59 -1.03
C LYS A 10 -7.28 -3.59 0.05
N ASP A 11 -5.97 -3.50 0.33
CA ASP A 11 -5.46 -2.52 1.28
C ASP A 11 -5.85 -1.10 0.88
N LEU A 12 -5.75 -0.78 -0.42
CA LEU A 12 -6.19 0.49 -0.99
C LEU A 12 -7.66 0.73 -0.61
N GLU A 13 -8.53 -0.26 -0.86
CA GLU A 13 -9.92 -0.21 -0.47
C GLU A 13 -10.06 0.06 1.04
N GLU A 14 -9.32 -0.67 1.87
CA GLU A 14 -9.35 -0.47 3.31
C GLU A 14 -9.02 0.98 3.67
N VAL A 15 -7.93 1.54 3.14
CA VAL A 15 -7.60 2.93 3.44
C VAL A 15 -8.68 3.89 2.91
N LYS A 16 -9.28 3.65 1.74
CA LYS A 16 -10.44 4.44 1.32
C LYS A 16 -11.53 4.39 2.39
N VAL A 17 -11.99 3.19 2.73
CA VAL A 17 -13.00 2.97 3.77
C VAL A 17 -12.66 3.77 5.03
N LEU A 18 -11.45 3.61 5.56
CA LEU A 18 -11.02 4.30 6.77
C LEU A 18 -10.99 5.82 6.59
N LEU A 19 -10.34 6.32 5.52
CA LEU A 19 -10.18 7.75 5.30
C LEU A 19 -11.55 8.43 5.16
N GLU A 20 -12.51 7.73 4.54
CA GLU A 20 -13.89 8.19 4.51
C GLU A 20 -14.47 8.24 5.93
N LYS A 21 -14.55 7.08 6.59
CA LYS A 21 -15.27 6.94 7.85
C LYS A 21 -14.64 7.72 8.99
N SER A 22 -13.35 7.49 9.26
CA SER A 22 -12.66 8.02 10.42
C SER A 22 -12.14 9.44 10.12
N THR A 23 -13.05 10.36 9.77
CA THR A 23 -12.77 11.68 9.23
C THR A 23 -12.11 12.70 10.18
N ARG A 24 -11.12 12.28 10.97
CA ARG A 24 -10.27 13.16 11.76
C ARG A 24 -9.05 13.58 10.91
N LYS A 25 -8.08 14.26 11.53
CA LYS A 25 -6.82 14.59 10.86
C LYS A 25 -6.08 13.35 10.32
N ARG A 26 -6.33 12.18 10.94
CA ARG A 26 -5.58 10.95 10.67
C ARG A 26 -5.57 10.58 9.19
N LEU A 27 -6.56 11.04 8.42
CA LEU A 27 -6.66 10.86 6.98
C LEU A 27 -5.30 11.08 6.30
N ARG A 28 -4.65 12.21 6.55
CA ARG A 28 -3.43 12.54 5.84
C ARG A 28 -2.31 11.58 6.22
N ASP A 29 -2.09 11.39 7.51
CA ASP A 29 -1.07 10.49 8.05
C ASP A 29 -1.26 9.10 7.47
N THR A 30 -2.48 8.58 7.60
CA THR A 30 -2.88 7.26 7.16
C THR A 30 -2.66 7.14 5.65
N LEU A 31 -3.18 8.10 4.86
CA LEU A 31 -3.04 8.13 3.42
C LEU A 31 -1.56 8.02 3.05
N THR A 32 -0.74 8.92 3.59
CA THR A 32 0.69 8.96 3.29
C THR A 32 1.34 7.61 3.63
N SER A 33 1.11 7.12 4.85
CA SER A 33 1.70 5.89 5.32
C SER A 33 1.31 4.72 4.41
N GLU A 34 0.00 4.56 4.17
CA GLU A 34 -0.53 3.47 3.38
C GLU A 34 0.00 3.55 1.96
N LYS A 35 -0.05 4.72 1.34
CA LYS A 35 0.51 4.94 0.01
C LYS A 35 1.97 4.48 -0.02
N SER A 36 2.77 4.96 0.93
CA SER A 36 4.17 4.57 1.03
C SER A 36 4.32 3.04 1.09
N LYS A 37 3.63 2.40 2.04
CA LYS A 37 3.64 0.95 2.17
C LYS A 37 3.28 0.27 0.84
N ILE A 38 2.13 0.61 0.27
CA ILE A 38 1.64 0.04 -0.98
C ILE A 38 2.71 0.17 -2.07
N GLU A 39 3.18 1.39 -2.33
CA GLU A 39 4.22 1.62 -3.34
C GLU A 39 5.46 0.77 -3.06
N THR A 40 5.93 0.79 -1.81
CA THR A 40 7.10 0.03 -1.39
C THR A 40 6.91 -1.46 -1.69
N GLU A 41 5.82 -2.06 -1.20
CA GLU A 41 5.51 -3.47 -1.40
C GLU A 41 5.40 -3.79 -2.89
N LEU A 42 4.66 -2.99 -3.65
CA LEU A 42 4.50 -3.15 -5.08
C LEU A 42 5.88 -3.21 -5.75
N LYS A 43 6.69 -2.16 -5.56
CA LYS A 43 8.01 -2.07 -6.15
C LYS A 43 8.90 -3.24 -5.69
N ASN A 44 8.82 -3.58 -4.40
CA ASN A 44 9.54 -4.73 -3.84
C ASN A 44 9.23 -5.97 -4.67
N LYS A 45 7.95 -6.35 -4.74
CA LYS A 45 7.55 -7.58 -5.38
C LYS A 45 7.73 -7.52 -6.91
N MET A 46 7.72 -6.33 -7.51
CA MET A 46 8.10 -6.18 -8.90
C MET A 46 9.56 -6.58 -9.14
N GLN A 47 10.52 -5.77 -8.64
CA GLN A 47 11.93 -5.95 -9.01
C GLN A 47 12.69 -6.92 -8.09
N GLN A 48 12.29 -7.05 -6.82
CA GLN A 48 12.74 -8.05 -5.86
C GLN A 48 14.20 -7.93 -5.39
N LYS A 49 15.13 -7.50 -6.23
CA LYS A 49 16.54 -7.38 -5.87
C LYS A 49 16.74 -6.40 -4.70
N SER A 50 16.10 -5.23 -4.77
CA SER A 50 16.35 -4.12 -3.85
C SER A 50 15.67 -4.31 -2.50
N GLN A 51 15.95 -5.42 -1.80
CA GLN A 51 15.49 -5.61 -0.44
C GLN A 51 16.21 -4.66 0.51
N LYS A 52 17.46 -4.29 0.18
CA LYS A 52 18.30 -3.37 0.94
C LYS A 52 17.77 -1.94 0.80
N LYS A 53 16.55 -1.70 1.29
CA LYS A 53 15.91 -0.41 1.25
C LYS A 53 16.58 0.52 2.27
N PRO A 54 16.82 1.80 1.94
CA PRO A 54 17.48 2.75 2.82
C PRO A 54 16.52 3.22 3.91
N GLU A 55 16.13 2.31 4.80
CA GLU A 55 15.23 2.59 5.92
C GLU A 55 15.69 3.83 6.71
N MET A 1 0.74 -12.42 -10.76
CA MET A 1 0.78 -11.14 -10.06
C MET A 1 -0.62 -10.72 -9.60
N ALA A 2 -1.67 -11.40 -10.08
CA ALA A 2 -3.05 -11.15 -9.69
C ALA A 2 -3.20 -11.12 -8.17
N SER A 3 -2.50 -12.03 -7.48
CA SER A 3 -2.38 -12.06 -6.03
C SER A 3 -1.96 -10.69 -5.50
N VAL A 4 -0.76 -10.26 -5.88
CA VAL A 4 -0.18 -8.98 -5.49
C VAL A 4 -1.16 -7.85 -5.78
N LEU A 5 -1.68 -7.78 -7.01
CA LEU A 5 -2.67 -6.76 -7.37
C LEU A 5 -3.85 -6.79 -6.39
N GLU A 6 -4.41 -7.97 -6.13
CA GLU A 6 -5.54 -8.10 -5.21
C GLU A 6 -5.16 -7.63 -3.81
N GLU A 7 -4.01 -8.04 -3.29
CA GLU A 7 -3.52 -7.62 -1.99
C GLU A 7 -3.47 -6.08 -1.91
N LEU A 8 -2.83 -5.46 -2.89
CA LEU A 8 -2.70 -4.00 -2.94
C LEU A 8 -4.08 -3.35 -3.04
N GLN A 9 -4.97 -3.89 -3.89
CA GLN A 9 -6.33 -3.40 -4.03
C GLN A 9 -7.09 -3.48 -2.70
N LYS A 10 -6.99 -4.62 -2.00
CA LYS A 10 -7.61 -4.83 -0.71
C LYS A 10 -7.10 -3.79 0.28
N ASP A 11 -5.77 -3.63 0.37
CA ASP A 11 -5.16 -2.62 1.22
C ASP A 11 -5.71 -1.22 0.90
N LEU A 12 -5.69 -0.85 -0.39
CA LEU A 12 -6.25 0.38 -0.91
C LEU A 12 -7.70 0.55 -0.41
N GLU A 13 -8.53 -0.48 -0.58
CA GLU A 13 -9.91 -0.45 -0.13
C GLU A 13 -9.99 -0.17 1.36
N GLU A 14 -9.21 -0.88 2.19
CA GLU A 14 -9.19 -0.64 3.62
C GLU A 14 -8.89 0.83 3.93
N VAL A 15 -7.80 1.38 3.38
CA VAL A 15 -7.49 2.79 3.65
C VAL A 15 -8.59 3.70 3.11
N LYS A 16 -9.20 3.41 1.96
CA LYS A 16 -10.30 4.20 1.45
C LYS A 16 -11.45 4.22 2.48
N VAL A 17 -11.88 3.04 2.92
CA VAL A 17 -12.93 2.89 3.92
C VAL A 17 -12.61 3.71 5.17
N LEU A 18 -11.40 3.55 5.71
CA LEU A 18 -10.99 4.29 6.90
C LEU A 18 -10.98 5.80 6.64
N LEU A 19 -10.38 6.24 5.52
CA LEU A 19 -10.36 7.62 5.08
C LEU A 19 -11.78 8.19 5.08
N GLU A 20 -12.75 7.47 4.52
CA GLU A 20 -14.15 7.89 4.52
C GLU A 20 -14.68 8.00 5.96
N LYS A 21 -14.68 6.89 6.70
CA LYS A 21 -15.33 6.81 8.00
C LYS A 21 -14.61 7.69 9.03
N SER A 22 -13.33 7.40 9.26
CA SER A 22 -12.52 8.06 10.25
C SER A 22 -11.99 9.38 9.69
N THR A 23 -12.87 10.26 9.19
CA THR A 23 -12.61 11.56 8.57
C THR A 23 -12.06 12.61 9.55
N ARG A 24 -11.19 12.19 10.47
CA ARG A 24 -10.54 13.05 11.45
C ARG A 24 -9.21 13.54 10.84
N LYS A 25 -8.37 14.18 11.66
CA LYS A 25 -7.03 14.62 11.28
C LYS A 25 -6.20 13.50 10.64
N ARG A 26 -6.44 12.24 11.05
CA ARG A 26 -5.59 11.13 10.69
C ARG A 26 -5.47 10.87 9.19
N LEU A 27 -6.43 11.33 8.38
CA LEU A 27 -6.48 11.02 6.95
C LEU A 27 -5.14 11.23 6.25
N ARG A 28 -4.58 12.44 6.30
CA ARG A 28 -3.37 12.74 5.56
C ARG A 28 -2.24 11.83 6.03
N ASP A 29 -2.08 11.69 7.35
CA ASP A 29 -1.05 10.85 7.95
C ASP A 29 -1.17 9.41 7.43
N THR A 30 -2.38 8.87 7.59
CA THR A 30 -2.72 7.50 7.24
C THR A 30 -2.49 7.28 5.74
N LEU A 31 -3.00 8.18 4.90
CA LEU A 31 -2.86 8.13 3.46
C LEU A 31 -1.39 8.10 3.09
N THR A 32 -0.59 9.05 3.59
CA THR A 32 0.83 9.11 3.31
C THR A 32 1.52 7.79 3.68
N SER A 33 1.30 7.34 4.92
CA SER A 33 1.87 6.08 5.39
C SER A 33 1.49 4.94 4.45
N GLU A 34 0.19 4.72 4.28
CA GLU A 34 -0.30 3.59 3.50
C GLU A 34 0.21 3.66 2.06
N LYS A 35 0.17 4.84 1.44
CA LYS A 35 0.72 5.04 0.12
C LYS A 35 2.18 4.59 0.07
N SER A 36 2.98 5.03 1.06
CA SER A 36 4.37 4.62 1.14
C SER A 36 4.48 3.09 1.20
N LYS A 37 3.76 2.44 2.11
CA LYS A 37 3.74 0.98 2.22
C LYS A 37 3.36 0.34 0.87
N ILE A 38 2.21 0.72 0.31
CA ILE A 38 1.71 0.24 -0.97
C ILE A 38 2.82 0.29 -2.01
N GLU A 39 3.43 1.47 -2.20
CA GLU A 39 4.50 1.66 -3.18
C GLU A 39 5.68 0.74 -2.87
N THR A 40 6.15 0.74 -1.62
CA THR A 40 7.27 -0.07 -1.18
C THR A 40 7.06 -1.55 -1.53
N GLU A 41 5.89 -2.08 -1.16
CA GLU A 41 5.52 -3.46 -1.43
C GLU A 41 5.43 -3.70 -2.93
N LEU A 42 4.60 -2.92 -3.63
CA LEU A 42 4.42 -3.01 -5.07
C LEU A 42 5.78 -3.08 -5.77
N LYS A 43 6.68 -2.16 -5.45
CA LYS A 43 8.02 -2.14 -6.01
C LYS A 43 8.71 -3.47 -5.68
N ASN A 44 8.85 -3.81 -4.40
CA ASN A 44 9.61 -4.98 -3.98
C ASN A 44 9.09 -6.29 -4.58
N LYS A 45 7.77 -6.44 -4.72
CA LYS A 45 7.20 -7.63 -5.34
C LYS A 45 7.76 -7.82 -6.76
N MET A 46 7.97 -6.73 -7.50
CA MET A 46 8.54 -6.78 -8.84
C MET A 46 10.07 -6.66 -8.76
N GLN A 47 10.55 -5.46 -8.42
CA GLN A 47 11.94 -5.10 -8.25
C GLN A 47 12.28 -5.23 -6.76
N GLN A 48 12.46 -6.47 -6.30
CA GLN A 48 12.95 -6.74 -4.95
C GLN A 48 14.25 -5.97 -4.70
N LYS A 49 14.41 -5.38 -3.51
CA LYS A 49 15.67 -4.78 -3.10
C LYS A 49 16.71 -5.88 -2.82
N SER A 50 17.19 -6.49 -3.91
CA SER A 50 18.01 -7.69 -3.90
C SER A 50 17.29 -8.85 -3.22
N GLN A 51 17.30 -8.89 -1.89
CA GLN A 51 16.70 -9.91 -1.05
C GLN A 51 16.98 -9.49 0.40
N LYS A 52 16.12 -9.90 1.34
CA LYS A 52 16.32 -9.64 2.77
C LYS A 52 17.50 -10.47 3.28
N LYS A 53 18.72 -10.01 2.99
CA LYS A 53 19.97 -10.64 3.39
C LYS A 53 20.12 -12.03 2.75
N PRO A 54 20.58 -12.12 1.49
CA PRO A 54 20.80 -13.39 0.83
C PRO A 54 22.04 -14.08 1.43
N GLU A 55 21.89 -14.63 2.64
CA GLU A 55 22.95 -15.28 3.38
C GLU A 55 24.16 -14.34 3.49
N MET A 1 1.04 -12.73 -10.41
CA MET A 1 0.90 -11.32 -10.10
C MET A 1 -0.48 -11.02 -9.52
N ALA A 2 -1.48 -11.84 -9.87
CA ALA A 2 -2.86 -11.73 -9.38
C ALA A 2 -2.88 -11.50 -7.86
N SER A 3 -2.13 -12.31 -7.11
CA SER A 3 -1.96 -12.17 -5.68
C SER A 3 -1.55 -10.75 -5.30
N VAL A 4 -0.54 -10.19 -5.99
CA VAL A 4 -0.04 -8.86 -5.72
C VAL A 4 -1.13 -7.84 -6.00
N LEU A 5 -1.78 -7.94 -7.16
CA LEU A 5 -2.90 -7.06 -7.48
C LEU A 5 -3.94 -7.10 -6.35
N GLU A 6 -4.31 -8.30 -5.90
CA GLU A 6 -5.24 -8.47 -4.81
C GLU A 6 -4.75 -7.79 -3.53
N GLU A 7 -3.48 -8.02 -3.14
CA GLU A 7 -2.89 -7.37 -1.97
C GLU A 7 -3.04 -5.85 -2.08
N LEU A 8 -2.57 -5.27 -3.19
CA LEU A 8 -2.63 -3.84 -3.40
C LEU A 8 -4.08 -3.33 -3.36
N GLN A 9 -5.00 -4.05 -4.02
CA GLN A 9 -6.43 -3.74 -3.99
C GLN A 9 -6.96 -3.74 -2.55
N LYS A 10 -6.64 -4.78 -1.77
CA LYS A 10 -7.07 -4.92 -0.40
C LYS A 10 -6.56 -3.73 0.42
N ASP A 11 -5.27 -3.39 0.28
CA ASP A 11 -4.72 -2.22 0.95
C ASP A 11 -5.46 -0.94 0.52
N LEU A 12 -5.66 -0.77 -0.79
CA LEU A 12 -6.40 0.35 -1.37
C LEU A 12 -7.77 0.48 -0.71
N GLU A 13 -8.51 -0.63 -0.61
CA GLU A 13 -9.77 -0.66 0.13
C GLU A 13 -9.55 -0.17 1.56
N GLU A 14 -8.66 -0.80 2.31
CA GLU A 14 -8.41 -0.43 3.71
C GLU A 14 -8.18 1.08 3.85
N VAL A 15 -7.20 1.64 3.12
CA VAL A 15 -6.92 3.07 3.24
C VAL A 15 -8.16 3.87 2.89
N LYS A 16 -8.77 3.65 1.72
CA LYS A 16 -9.91 4.43 1.26
C LYS A 16 -11.03 4.40 2.30
N VAL A 17 -11.40 3.21 2.74
CA VAL A 17 -12.44 3.00 3.75
C VAL A 17 -12.09 3.76 5.03
N LEU A 18 -10.84 3.65 5.51
CA LEU A 18 -10.41 4.41 6.68
C LEU A 18 -10.56 5.92 6.45
N LEU A 19 -10.09 6.45 5.31
CA LEU A 19 -10.26 7.87 4.98
C LEU A 19 -11.74 8.26 5.04
N GLU A 20 -12.61 7.45 4.42
CA GLU A 20 -14.04 7.71 4.39
C GLU A 20 -14.64 7.72 5.80
N LYS A 21 -14.24 6.76 6.65
CA LYS A 21 -14.80 6.62 7.99
C LYS A 21 -14.15 7.58 8.99
N SER A 22 -12.87 7.35 9.27
CA SER A 22 -12.11 7.99 10.35
C SER A 22 -11.72 9.42 9.99
N THR A 23 -12.73 10.25 9.72
CA THR A 23 -12.69 11.59 9.15
C THR A 23 -12.15 12.66 10.09
N ARG A 24 -11.12 12.33 10.86
CA ARG A 24 -10.38 13.26 11.68
C ARG A 24 -9.22 13.81 10.83
N LYS A 25 -8.40 14.69 11.42
CA LYS A 25 -7.17 15.14 10.77
C LYS A 25 -6.26 13.97 10.33
N ARG A 26 -6.44 12.81 10.98
CA ARG A 26 -5.72 11.57 10.77
C ARG A 26 -5.69 11.12 9.30
N LEU A 27 -6.65 11.54 8.47
CA LEU A 27 -6.68 11.24 7.05
C LEU A 27 -5.32 11.39 6.36
N ARG A 28 -4.68 12.55 6.45
CA ARG A 28 -3.42 12.79 5.75
C ARG A 28 -2.34 11.79 6.20
N ASP A 29 -2.26 11.57 7.51
CA ASP A 29 -1.31 10.66 8.12
C ASP A 29 -1.53 9.25 7.57
N THR A 30 -2.79 8.81 7.62
CA THR A 30 -3.22 7.50 7.15
C THR A 30 -2.86 7.33 5.67
N LEU A 31 -3.27 8.30 4.84
CA LEU A 31 -2.98 8.32 3.42
C LEU A 31 -1.47 8.11 3.24
N THR A 32 -0.65 8.99 3.80
CA THR A 32 0.80 8.92 3.63
C THR A 32 1.32 7.54 4.06
N SER A 33 0.99 7.14 5.29
CA SER A 33 1.46 5.89 5.89
C SER A 33 1.14 4.71 4.98
N GLU A 34 -0.13 4.57 4.59
CA GLU A 34 -0.61 3.38 3.90
C GLU A 34 -0.18 3.41 2.43
N LYS A 35 -0.26 4.58 1.79
CA LYS A 35 0.27 4.80 0.44
C LYS A 35 1.73 4.34 0.35
N SER A 36 2.55 4.67 1.35
CA SER A 36 3.91 4.18 1.41
C SER A 36 3.95 2.65 1.32
N LYS A 37 3.08 1.95 2.07
CA LYS A 37 2.98 0.50 2.01
C LYS A 37 2.60 0.05 0.60
N ILE A 38 1.58 0.67 -0.02
CA ILE A 38 1.18 0.34 -1.39
C ILE A 38 2.41 0.38 -2.30
N GLU A 39 3.11 1.52 -2.32
CA GLU A 39 4.29 1.68 -3.17
C GLU A 39 5.36 0.65 -2.82
N THR A 40 5.66 0.48 -1.53
CA THR A 40 6.64 -0.50 -1.05
C THR A 40 6.32 -1.88 -1.64
N GLU A 41 5.11 -2.38 -1.41
CA GLU A 41 4.65 -3.66 -1.91
C GLU A 41 4.82 -3.72 -3.42
N LEU A 42 4.19 -2.78 -4.13
CA LEU A 42 4.15 -2.75 -5.59
C LEU A 42 5.58 -2.83 -6.15
N LYS A 43 6.48 -1.97 -5.68
CA LYS A 43 7.84 -1.93 -6.17
C LYS A 43 8.59 -3.21 -5.76
N ASN A 44 8.56 -3.56 -4.47
CA ASN A 44 9.27 -4.72 -3.93
C ASN A 44 8.91 -6.00 -4.69
N LYS A 45 7.62 -6.23 -4.93
CA LYS A 45 7.14 -7.41 -5.64
C LYS A 45 7.70 -7.49 -7.06
N MET A 46 8.14 -6.37 -7.65
CA MET A 46 8.88 -6.40 -8.90
C MET A 46 10.37 -6.58 -8.59
N GLN A 47 10.94 -5.63 -7.85
CA GLN A 47 12.36 -5.60 -7.49
C GLN A 47 12.66 -6.61 -6.37
N GLN A 48 12.38 -7.90 -6.61
CA GLN A 48 12.63 -8.94 -5.62
C GLN A 48 14.12 -9.30 -5.57
N LYS A 49 14.95 -8.34 -5.14
CA LYS A 49 16.38 -8.55 -4.98
C LYS A 49 16.62 -9.50 -3.81
N SER A 50 16.11 -9.13 -2.63
CA SER A 50 16.39 -9.78 -1.36
C SER A 50 15.66 -11.10 -1.16
N GLN A 51 15.67 -11.97 -2.16
CA GLN A 51 15.22 -13.35 -2.03
C GLN A 51 16.36 -14.17 -1.43
N LYS A 52 16.14 -15.48 -1.23
CA LYS A 52 17.18 -16.40 -0.83
C LYS A 52 18.13 -16.68 -1.99
N LYS A 53 18.81 -15.65 -2.49
CA LYS A 53 19.81 -15.77 -3.54
C LYS A 53 20.95 -16.68 -3.02
N PRO A 54 21.29 -17.77 -3.71
CA PRO A 54 22.37 -18.66 -3.33
C PRO A 54 23.67 -17.90 -3.01
N GLU A 55 24.27 -18.17 -1.85
CA GLU A 55 25.51 -17.57 -1.39
C GLU A 55 25.53 -16.05 -1.63
N MET A 1 2.50 -13.71 -7.73
CA MET A 1 2.48 -12.29 -7.46
C MET A 1 1.03 -11.78 -7.46
N ALA A 2 0.19 -12.33 -8.33
CA ALA A 2 -1.21 -11.96 -8.50
C ALA A 2 -1.90 -11.79 -7.13
N SER A 3 -1.86 -12.83 -6.30
CA SER A 3 -2.41 -12.81 -4.96
C SER A 3 -1.98 -11.57 -4.16
N VAL A 4 -0.70 -11.19 -4.28
CA VAL A 4 -0.18 -10.01 -3.60
C VAL A 4 -0.78 -8.76 -4.24
N LEU A 5 -0.87 -8.69 -5.57
CA LEU A 5 -1.54 -7.56 -6.22
C LEU A 5 -2.97 -7.42 -5.70
N GLU A 6 -3.72 -8.52 -5.63
CA GLU A 6 -5.06 -8.52 -5.05
C GLU A 6 -5.02 -8.01 -3.60
N GLU A 7 -4.11 -8.53 -2.78
CA GLU A 7 -3.93 -8.08 -1.40
C GLU A 7 -3.74 -6.56 -1.35
N LEU A 8 -2.82 -6.03 -2.18
CA LEU A 8 -2.57 -4.60 -2.25
C LEU A 8 -3.83 -3.85 -2.71
N GLN A 9 -4.55 -4.36 -3.71
CA GLN A 9 -5.82 -3.78 -4.13
C GLN A 9 -6.81 -3.71 -2.95
N LYS A 10 -6.88 -4.77 -2.15
CA LYS A 10 -7.68 -4.78 -0.93
C LYS A 10 -7.20 -3.65 -0.01
N ASP A 11 -5.90 -3.58 0.27
CA ASP A 11 -5.36 -2.54 1.15
C ASP A 11 -5.61 -1.13 0.60
N LEU A 12 -5.59 -0.97 -0.72
CA LEU A 12 -5.94 0.25 -1.43
C LEU A 12 -7.39 0.62 -1.10
N GLU A 13 -8.29 -0.36 -1.19
CA GLU A 13 -9.67 -0.18 -0.73
C GLU A 13 -9.70 0.24 0.74
N GLU A 14 -8.93 -0.43 1.61
CA GLU A 14 -8.86 -0.07 3.02
C GLU A 14 -8.47 1.39 3.21
N VAL A 15 -7.37 1.86 2.61
CA VAL A 15 -6.99 3.27 2.76
C VAL A 15 -8.12 4.19 2.27
N LYS A 16 -8.75 3.88 1.13
CA LYS A 16 -9.89 4.69 0.68
C LYS A 16 -10.97 4.75 1.75
N VAL A 17 -11.48 3.58 2.16
CA VAL A 17 -12.54 3.47 3.15
C VAL A 17 -12.18 4.25 4.41
N LEU A 18 -10.99 4.00 4.97
CA LEU A 18 -10.54 4.69 6.18
C LEU A 18 -10.46 6.20 5.95
N LEU A 19 -9.88 6.64 4.82
CA LEU A 19 -9.77 8.04 4.47
C LEU A 19 -11.16 8.69 4.45
N GLU A 20 -12.14 8.02 3.85
CA GLU A 20 -13.50 8.52 3.82
C GLU A 20 -14.09 8.62 5.24
N LYS A 21 -14.00 7.54 6.02
CA LYS A 21 -14.70 7.43 7.30
C LYS A 21 -14.02 8.20 8.43
N SER A 22 -12.72 7.97 8.61
CA SER A 22 -11.92 8.40 9.76
C SER A 22 -11.59 9.89 9.78
N THR A 23 -12.57 10.76 9.53
CA THR A 23 -12.42 12.19 9.31
C THR A 23 -11.63 12.94 10.38
N ARG A 24 -11.47 12.38 11.58
CA ARG A 24 -10.78 13.01 12.69
C ARG A 24 -9.27 13.10 12.46
N LYS A 25 -8.83 13.95 11.53
CA LYS A 25 -7.44 14.35 11.28
C LYS A 25 -6.60 13.25 10.62
N ARG A 26 -6.65 12.01 11.14
CA ARG A 26 -5.75 10.93 10.77
C ARG A 26 -5.75 10.55 9.29
N LEU A 27 -6.65 11.11 8.47
CA LEU A 27 -6.64 11.02 7.02
C LEU A 27 -5.22 11.15 6.50
N ARG A 28 -4.55 12.25 6.81
CA ARG A 28 -3.21 12.53 6.29
C ARG A 28 -2.25 11.40 6.65
N ASP A 29 -2.16 11.10 7.95
CA ASP A 29 -1.26 10.09 8.49
C ASP A 29 -1.50 8.75 7.80
N THR A 30 -2.76 8.29 7.86
CA THR A 30 -3.21 7.03 7.30
C THR A 30 -2.86 6.97 5.81
N LEU A 31 -3.28 7.98 5.05
CA LEU A 31 -3.05 8.07 3.63
C LEU A 31 -1.56 7.92 3.34
N THR A 32 -0.75 8.79 3.94
CA THR A 32 0.69 8.80 3.70
C THR A 32 1.29 7.42 4.00
N SER A 33 1.10 6.93 5.24
CA SER A 33 1.69 5.68 5.68
C SER A 33 1.24 4.52 4.79
N GLU A 34 -0.07 4.33 4.69
CA GLU A 34 -0.65 3.18 4.00
C GLU A 34 -0.30 3.22 2.51
N LYS A 35 -0.40 4.39 1.86
CA LYS A 35 0.05 4.52 0.47
C LYS A 35 1.53 4.16 0.35
N SER A 36 2.39 4.70 1.22
CA SER A 36 3.81 4.39 1.19
C SER A 36 4.02 2.87 1.28
N LYS A 37 3.42 2.21 2.27
CA LYS A 37 3.48 0.76 2.40
C LYS A 37 3.05 0.07 1.10
N ILE A 38 1.86 0.39 0.59
CA ILE A 38 1.35 -0.19 -0.65
C ILE A 38 2.41 -0.05 -1.75
N GLU A 39 2.84 1.17 -2.05
CA GLU A 39 3.78 1.43 -3.13
C GLU A 39 5.11 0.70 -2.90
N THR A 40 5.62 0.72 -1.67
CA THR A 40 6.82 0.00 -1.30
C THR A 40 6.68 -1.48 -1.65
N GLU A 41 5.63 -2.14 -1.16
CA GLU A 41 5.37 -3.54 -1.44
C GLU A 41 5.27 -3.76 -2.96
N LEU A 42 4.41 -2.98 -3.63
CA LEU A 42 4.15 -3.04 -5.06
C LEU A 42 5.47 -3.05 -5.84
N LYS A 43 6.27 -2.00 -5.66
CA LYS A 43 7.52 -1.85 -6.39
C LYS A 43 8.56 -2.89 -5.94
N ASN A 44 8.57 -3.24 -4.65
CA ASN A 44 9.44 -4.28 -4.12
C ASN A 44 9.20 -5.61 -4.84
N LYS A 45 7.95 -5.93 -5.15
CA LYS A 45 7.66 -7.08 -5.98
C LYS A 45 8.06 -6.83 -7.44
N MET A 46 7.58 -5.73 -8.05
CA MET A 46 7.76 -5.51 -9.48
C MET A 46 9.23 -5.33 -9.86
N GLN A 47 9.87 -4.28 -9.34
CA GLN A 47 11.23 -3.87 -9.74
C GLN A 47 12.28 -4.29 -8.71
N GLN A 48 11.87 -4.48 -7.46
CA GLN A 48 12.71 -4.90 -6.34
C GLN A 48 13.93 -4.01 -6.11
N LYS A 49 14.99 -4.19 -6.89
CA LYS A 49 16.33 -3.60 -6.74
C LYS A 49 17.03 -4.07 -5.46
N SER A 50 16.41 -3.82 -4.29
CA SER A 50 16.93 -4.22 -3.00
C SER A 50 17.12 -5.74 -2.98
N GLN A 51 18.35 -6.21 -2.75
CA GLN A 51 18.66 -7.64 -2.67
C GLN A 51 18.12 -8.24 -1.38
N LYS A 52 16.80 -8.35 -1.26
CA LYS A 52 16.15 -9.10 -0.19
C LYS A 52 16.23 -10.61 -0.49
N LYS A 53 17.40 -11.08 -0.88
CA LYS A 53 17.67 -12.42 -1.41
C LYS A 53 19.15 -12.48 -1.80
N PRO A 54 19.82 -13.63 -1.65
CA PRO A 54 21.17 -13.83 -2.14
C PRO A 54 21.21 -13.83 -3.67
N GLU A 55 20.13 -14.30 -4.30
CA GLU A 55 20.01 -14.41 -5.75
C GLU A 55 20.42 -13.09 -6.42
N MET A 1 1.18 -11.94 -10.74
CA MET A 1 0.86 -10.52 -10.69
C MET A 1 -0.50 -10.31 -10.03
N ALA A 2 -1.50 -11.06 -10.49
CA ALA A 2 -2.88 -10.99 -10.02
C ALA A 2 -2.94 -10.91 -8.50
N SER A 3 -2.24 -11.82 -7.82
CA SER A 3 -2.10 -11.85 -6.37
C SER A 3 -1.71 -10.47 -5.83
N VAL A 4 -0.62 -9.91 -6.35
CA VAL A 4 -0.12 -8.61 -5.89
C VAL A 4 -1.19 -7.55 -6.14
N LEU A 5 -1.77 -7.53 -7.35
CA LEU A 5 -2.81 -6.56 -7.67
C LEU A 5 -3.95 -6.62 -6.63
N GLU A 6 -4.53 -7.80 -6.41
CA GLU A 6 -5.63 -7.91 -5.45
C GLU A 6 -5.19 -7.53 -4.03
N GLU A 7 -4.00 -7.99 -3.59
CA GLU A 7 -3.45 -7.62 -2.28
C GLU A 7 -3.45 -6.10 -2.12
N LEU A 8 -2.74 -5.41 -3.03
CA LEU A 8 -2.58 -3.97 -2.95
C LEU A 8 -3.95 -3.28 -3.08
N GLN A 9 -4.84 -3.78 -3.95
CA GLN A 9 -6.18 -3.24 -4.07
C GLN A 9 -6.96 -3.38 -2.74
N LYS A 10 -6.87 -4.53 -2.08
CA LYS A 10 -7.50 -4.73 -0.77
C LYS A 10 -6.96 -3.69 0.21
N ASP A 11 -5.63 -3.53 0.25
CA ASP A 11 -5.02 -2.53 1.12
C ASP A 11 -5.50 -1.12 0.77
N LEU A 12 -5.64 -0.81 -0.53
CA LEU A 12 -6.21 0.45 -0.98
C LEU A 12 -7.62 0.62 -0.42
N GLU A 13 -8.47 -0.41 -0.58
CA GLU A 13 -9.81 -0.42 -0.02
C GLU A 13 -9.75 -0.12 1.48
N GLU A 14 -8.84 -0.76 2.20
CA GLU A 14 -8.62 -0.50 3.61
C GLU A 14 -8.39 0.99 3.86
N VAL A 15 -7.42 1.61 3.16
CA VAL A 15 -7.18 3.03 3.40
C VAL A 15 -8.41 3.86 3.02
N LYS A 16 -9.09 3.57 1.92
CA LYS A 16 -10.32 4.30 1.60
C LYS A 16 -11.35 4.21 2.73
N VAL A 17 -11.63 3.00 3.22
CA VAL A 17 -12.54 2.80 4.34
C VAL A 17 -12.09 3.65 5.54
N LEU A 18 -10.83 3.53 5.94
CA LEU A 18 -10.30 4.31 7.06
C LEU A 18 -10.44 5.82 6.80
N LEU A 19 -10.10 6.27 5.59
CA LEU A 19 -10.19 7.67 5.16
C LEU A 19 -11.60 8.19 5.44
N GLU A 20 -12.60 7.46 4.93
CA GLU A 20 -14.01 7.78 5.11
C GLU A 20 -14.36 7.82 6.61
N LYS A 21 -14.03 6.76 7.35
CA LYS A 21 -14.47 6.62 8.73
C LYS A 21 -13.78 7.60 9.67
N SER A 22 -12.44 7.59 9.71
CA SER A 22 -11.64 8.31 10.71
C SER A 22 -12.03 9.79 10.83
N THR A 23 -12.17 10.50 9.71
CA THR A 23 -12.69 11.87 9.63
C THR A 23 -11.73 12.94 10.19
N ARG A 24 -11.30 12.78 11.43
CA ARG A 24 -10.58 13.79 12.19
C ARG A 24 -9.12 13.92 11.75
N LYS A 25 -8.87 14.39 10.52
CA LYS A 25 -7.56 14.76 9.98
C LYS A 25 -6.66 13.54 9.65
N ARG A 26 -6.77 12.48 10.45
CA ARG A 26 -6.07 11.20 10.36
C ARG A 26 -5.98 10.70 8.92
N LEU A 27 -7.00 11.03 8.11
CA LEU A 27 -7.03 10.86 6.67
C LEU A 27 -5.64 11.02 6.05
N ARG A 28 -5.00 12.17 6.30
CA ARG A 28 -3.76 12.52 5.62
C ARG A 28 -2.64 11.55 6.01
N ASP A 29 -2.50 11.31 7.31
CA ASP A 29 -1.52 10.39 7.88
C ASP A 29 -1.72 9.00 7.27
N THR A 30 -2.97 8.54 7.28
CA THR A 30 -3.34 7.24 6.76
C THR A 30 -3.03 7.16 5.25
N LEU A 31 -3.41 8.19 4.50
CA LEU A 31 -3.20 8.26 3.06
C LEU A 31 -1.71 8.12 2.77
N THR A 32 -0.90 9.04 3.30
CA THR A 32 0.54 9.04 3.07
C THR A 32 1.15 7.69 3.48
N SER A 33 0.85 7.25 4.70
CA SER A 33 1.34 5.97 5.22
C SER A 33 0.99 4.84 4.25
N GLU A 34 -0.30 4.61 4.00
CA GLU A 34 -0.73 3.48 3.19
C GLU A 34 -0.17 3.59 1.77
N LYS A 35 -0.18 4.78 1.18
CA LYS A 35 0.38 5.01 -0.14
C LYS A 35 1.84 4.57 -0.16
N SER A 36 2.65 5.05 0.79
CA SER A 36 4.06 4.68 0.85
C SER A 36 4.22 3.16 1.00
N LYS A 37 3.47 2.54 1.94
CA LYS A 37 3.45 1.09 2.11
C LYS A 37 3.14 0.38 0.79
N ILE A 38 2.04 0.72 0.14
CA ILE A 38 1.62 0.15 -1.14
C ILE A 38 2.77 0.23 -2.14
N GLU A 39 3.33 1.41 -2.35
CA GLU A 39 4.47 1.57 -3.24
C GLU A 39 5.63 0.64 -2.84
N THR A 40 6.01 0.67 -1.57
CA THR A 40 7.11 -0.14 -1.05
C THR A 40 6.88 -1.63 -1.35
N GLU A 41 5.69 -2.14 -1.05
CA GLU A 41 5.31 -3.51 -1.31
C GLU A 41 5.39 -3.79 -2.81
N LEU A 42 4.73 -2.98 -3.63
CA LEU A 42 4.74 -3.10 -5.08
C LEU A 42 6.17 -3.20 -5.62
N LYS A 43 7.04 -2.26 -5.23
CA LYS A 43 8.46 -2.29 -5.60
C LYS A 43 9.12 -3.59 -5.14
N ASN A 44 8.92 -3.99 -3.88
CA ASN A 44 9.49 -5.25 -3.39
C ASN A 44 9.06 -6.40 -4.28
N LYS A 45 7.76 -6.53 -4.55
CA LYS A 45 7.24 -7.59 -5.42
C LYS A 45 7.88 -7.54 -6.81
N MET A 46 8.01 -6.34 -7.40
CA MET A 46 8.69 -6.20 -8.69
C MET A 46 10.13 -6.71 -8.63
N GLN A 47 10.93 -6.19 -7.70
CA GLN A 47 12.36 -6.50 -7.58
C GLN A 47 12.65 -7.09 -6.20
N GLN A 48 12.45 -8.40 -6.06
CA GLN A 48 12.47 -9.12 -4.79
C GLN A 48 13.89 -9.34 -4.22
N LYS A 49 14.76 -8.34 -4.30
CA LYS A 49 16.12 -8.37 -3.76
C LYS A 49 16.11 -8.89 -2.32
N SER A 50 15.12 -8.43 -1.56
CA SER A 50 14.84 -8.73 -0.16
C SER A 50 14.73 -10.23 0.15
N GLN A 51 14.64 -11.10 -0.86
CA GLN A 51 14.58 -12.54 -0.66
C GLN A 51 15.32 -13.27 -1.79
N LYS A 52 14.99 -12.94 -3.05
CA LYS A 52 15.77 -13.41 -4.18
C LYS A 52 17.07 -12.59 -4.23
N LYS A 53 18.04 -13.02 -3.40
CA LYS A 53 19.41 -12.53 -3.45
C LYS A 53 19.89 -12.48 -4.90
N PRO A 54 20.13 -11.28 -5.48
CA PRO A 54 20.44 -11.12 -6.90
C PRO A 54 21.50 -12.07 -7.45
N GLU A 55 22.61 -12.21 -6.72
CA GLU A 55 23.79 -12.94 -7.16
C GLU A 55 23.42 -14.32 -7.73
N MET A 1 0.45 -12.53 -9.91
CA MET A 1 0.20 -11.23 -10.49
C MET A 1 -1.16 -10.72 -10.03
N ALA A 2 -2.21 -11.51 -10.28
CA ALA A 2 -3.54 -11.25 -9.73
C ALA A 2 -3.47 -11.11 -8.21
N SER A 3 -2.64 -11.94 -7.58
CA SER A 3 -2.25 -11.85 -6.19
C SER A 3 -1.81 -10.42 -5.85
N VAL A 4 -0.73 -9.98 -6.48
CA VAL A 4 -0.16 -8.65 -6.29
C VAL A 4 -1.24 -7.59 -6.46
N LEU A 5 -1.96 -7.61 -7.58
CA LEU A 5 -3.04 -6.67 -7.84
C LEU A 5 -4.03 -6.64 -6.68
N GLU A 6 -4.52 -7.80 -6.24
CA GLU A 6 -5.46 -7.86 -5.14
C GLU A 6 -4.84 -7.30 -3.86
N GLU A 7 -3.60 -7.65 -3.55
CA GLU A 7 -2.93 -7.12 -2.36
C GLU A 7 -2.90 -5.59 -2.40
N LEU A 8 -2.43 -5.01 -3.50
CA LEU A 8 -2.39 -3.55 -3.64
C LEU A 8 -3.80 -2.96 -3.53
N GLN A 9 -4.77 -3.57 -4.22
CA GLN A 9 -6.17 -3.19 -4.12
C GLN A 9 -6.60 -3.17 -2.66
N LYS A 10 -6.36 -4.24 -1.92
CA LYS A 10 -6.75 -4.37 -0.52
C LYS A 10 -6.10 -3.26 0.29
N ASP A 11 -4.80 -3.04 0.10
CA ASP A 11 -4.08 -1.96 0.78
C ASP A 11 -4.77 -0.61 0.53
N LEU A 12 -5.17 -0.35 -0.72
CA LEU A 12 -5.92 0.83 -1.13
C LEU A 12 -7.30 0.84 -0.42
N GLU A 13 -7.96 -0.31 -0.38
CA GLU A 13 -9.24 -0.52 0.27
C GLU A 13 -9.16 -0.13 1.75
N GLU A 14 -8.08 -0.51 2.44
CA GLU A 14 -7.88 -0.10 3.82
C GLU A 14 -7.91 1.43 3.95
N VAL A 15 -7.09 2.16 3.16
CA VAL A 15 -7.14 3.61 3.23
C VAL A 15 -8.54 4.15 2.88
N LYS A 16 -9.21 3.59 1.87
CA LYS A 16 -10.60 3.99 1.60
C LYS A 16 -11.47 3.86 2.85
N VAL A 17 -11.54 2.66 3.41
CA VAL A 17 -12.33 2.36 4.61
C VAL A 17 -11.99 3.36 5.73
N LEU A 18 -10.71 3.50 6.06
CA LEU A 18 -10.27 4.37 7.14
C LEU A 18 -10.63 5.84 6.85
N LEU A 19 -10.40 6.30 5.62
CA LEU A 19 -10.75 7.64 5.16
C LEU A 19 -12.25 7.89 5.39
N GLU A 20 -13.09 6.94 4.96
CA GLU A 20 -14.54 7.03 5.13
C GLU A 20 -14.91 7.11 6.62
N LYS A 21 -14.34 6.22 7.44
CA LYS A 21 -14.69 6.12 8.85
C LYS A 21 -14.00 7.21 9.68
N SER A 22 -12.69 7.07 9.89
CA SER A 22 -11.90 7.90 10.77
C SER A 22 -11.66 9.29 10.16
N THR A 23 -12.73 10.07 10.04
CA THR A 23 -12.79 11.38 9.41
C THR A 23 -12.19 12.48 10.29
N ARG A 24 -11.10 12.15 10.98
CA ARG A 24 -10.25 13.07 11.70
C ARG A 24 -9.14 13.57 10.75
N LYS A 25 -8.20 14.36 11.26
CA LYS A 25 -6.98 14.71 10.52
C LYS A 25 -6.26 13.46 10.01
N ARG A 26 -6.47 12.34 10.71
CA ARG A 26 -6.04 10.99 10.37
C ARG A 26 -5.95 10.75 8.88
N LEU A 27 -6.91 11.21 8.08
CA LEU A 27 -6.89 11.04 6.63
C LEU A 27 -5.51 11.34 6.03
N ARG A 28 -4.87 12.44 6.43
CA ARG A 28 -3.56 12.81 5.91
C ARG A 28 -2.53 11.72 6.21
N ASP A 29 -2.45 11.32 7.48
CA ASP A 29 -1.52 10.30 7.96
C ASP A 29 -1.77 8.99 7.21
N THR A 30 -3.05 8.60 7.14
CA THR A 30 -3.50 7.41 6.46
C THR A 30 -3.02 7.44 5.01
N LEU A 31 -3.33 8.52 4.29
CA LEU A 31 -2.99 8.66 2.88
C LEU A 31 -1.49 8.51 2.69
N THR A 32 -0.70 9.35 3.35
CA THR A 32 0.75 9.34 3.20
C THR A 32 1.32 7.96 3.53
N SER A 33 0.94 7.41 4.69
CA SER A 33 1.35 6.08 5.10
C SER A 33 1.00 5.06 4.03
N GLU A 34 -0.28 4.93 3.71
CA GLU A 34 -0.78 3.87 2.85
C GLU A 34 -0.19 3.99 1.44
N LYS A 35 -0.05 5.21 0.91
CA LYS A 35 0.65 5.47 -0.34
C LYS A 35 2.03 4.81 -0.28
N SER A 36 2.76 5.09 0.80
CA SER A 36 4.07 4.48 1.00
C SER A 36 3.97 2.95 1.04
N LYS A 37 3.03 2.40 1.82
CA LYS A 37 2.81 0.96 1.89
C LYS A 37 2.56 0.37 0.50
N ILE A 38 1.67 0.96 -0.30
CA ILE A 38 1.35 0.51 -1.64
C ILE A 38 2.64 0.44 -2.45
N GLU A 39 3.39 1.55 -2.50
CA GLU A 39 4.66 1.58 -3.21
C GLU A 39 5.60 0.49 -2.71
N THR A 40 5.71 0.33 -1.39
CA THR A 40 6.57 -0.67 -0.77
C THR A 40 6.18 -2.07 -1.27
N GLU A 41 4.91 -2.45 -1.09
CA GLU A 41 4.39 -3.74 -1.53
C GLU A 41 4.70 -3.95 -3.01
N LEU A 42 4.30 -3.00 -3.85
CA LEU A 42 4.51 -3.06 -5.29
C LEU A 42 5.99 -3.31 -5.61
N LYS A 43 6.87 -2.39 -5.18
CA LYS A 43 8.29 -2.44 -5.51
C LYS A 43 8.98 -3.66 -4.88
N ASN A 44 8.51 -4.14 -3.74
CA ASN A 44 8.94 -5.41 -3.15
C ASN A 44 8.53 -6.57 -4.06
N LYS A 45 7.26 -6.67 -4.44
CA LYS A 45 6.78 -7.75 -5.30
C LYS A 45 7.53 -7.75 -6.63
N MET A 46 7.90 -6.59 -7.16
CA MET A 46 8.81 -6.52 -8.29
C MET A 46 10.18 -7.07 -7.88
N GLN A 47 10.86 -6.37 -6.96
CA GLN A 47 12.23 -6.66 -6.57
C GLN A 47 12.27 -7.78 -5.53
N GLN A 48 11.65 -8.92 -5.84
CA GLN A 48 11.71 -10.08 -4.94
C GLN A 48 13.11 -10.71 -5.07
N LYS A 49 14.11 -10.08 -4.45
CA LYS A 49 15.48 -10.56 -4.45
C LYS A 49 15.51 -12.03 -4.01
N SER A 50 16.27 -12.85 -4.74
CA SER A 50 16.32 -14.29 -4.54
C SER A 50 14.92 -14.91 -4.71
N GLN A 51 14.22 -14.52 -5.79
CA GLN A 51 12.95 -15.07 -6.26
C GLN A 51 11.76 -14.66 -5.39
N LYS A 52 11.89 -14.76 -4.06
CA LYS A 52 10.87 -14.39 -3.09
C LYS A 52 11.40 -13.33 -2.13
N LYS A 53 12.35 -13.71 -1.29
CA LYS A 53 12.97 -12.84 -0.29
C LYS A 53 14.45 -13.20 -0.20
N PRO A 54 15.34 -12.23 0.06
CA PRO A 54 16.76 -12.47 0.24
C PRO A 54 16.99 -13.11 1.62
N GLU A 55 16.56 -14.37 1.77
CA GLU A 55 16.56 -15.09 3.03
C GLU A 55 15.89 -14.22 4.11
N MET A 1 1.29 -11.85 -10.99
CA MET A 1 1.27 -11.07 -9.77
C MET A 1 -0.16 -10.63 -9.41
N ALA A 2 -1.16 -11.04 -10.20
CA ALA A 2 -2.55 -10.64 -10.06
C ALA A 2 -3.03 -10.68 -8.61
N SER A 3 -2.76 -11.78 -7.92
CA SER A 3 -3.07 -11.92 -6.50
C SER A 3 -2.50 -10.77 -5.67
N VAL A 4 -1.22 -10.48 -5.85
CA VAL A 4 -0.54 -9.43 -5.09
C VAL A 4 -1.17 -8.08 -5.42
N LEU A 5 -1.37 -7.80 -6.72
CA LEU A 5 -2.04 -6.57 -7.13
C LEU A 5 -3.41 -6.45 -6.45
N GLU A 6 -4.20 -7.52 -6.47
CA GLU A 6 -5.50 -7.58 -5.83
C GLU A 6 -5.36 -7.28 -4.33
N GLU A 7 -4.44 -7.94 -3.63
CA GLU A 7 -4.19 -7.71 -2.22
C GLU A 7 -3.89 -6.24 -1.95
N LEU A 8 -2.96 -5.65 -2.69
CA LEU A 8 -2.59 -4.25 -2.54
C LEU A 8 -3.81 -3.34 -2.80
N GLN A 9 -4.57 -3.61 -3.86
CA GLN A 9 -5.79 -2.90 -4.18
C GLN A 9 -6.77 -2.98 -2.99
N LYS A 10 -6.97 -4.18 -2.44
CA LYS A 10 -7.82 -4.40 -1.27
C LYS A 10 -7.33 -3.52 -0.12
N ASP A 11 -6.03 -3.55 0.19
CA ASP A 11 -5.47 -2.70 1.23
C ASP A 11 -5.78 -1.23 0.96
N LEU A 12 -5.57 -0.78 -0.28
CA LEU A 12 -5.90 0.59 -0.71
C LEU A 12 -7.35 0.92 -0.37
N GLU A 13 -8.30 0.09 -0.81
CA GLU A 13 -9.70 0.24 -0.44
C GLU A 13 -9.86 0.31 1.08
N GLU A 14 -9.30 -0.65 1.81
CA GLU A 14 -9.45 -0.73 3.25
C GLU A 14 -9.04 0.59 3.91
N VAL A 15 -7.82 1.07 3.59
CA VAL A 15 -7.37 2.32 4.17
C VAL A 15 -8.29 3.47 3.76
N LYS A 16 -8.60 3.63 2.46
CA LYS A 16 -9.47 4.68 1.96
C LYS A 16 -10.78 4.73 2.75
N VAL A 17 -11.46 3.58 2.81
CA VAL A 17 -12.70 3.40 3.53
C VAL A 17 -12.51 3.76 5.01
N LEU A 18 -11.43 3.30 5.65
CA LEU A 18 -11.09 3.78 6.99
C LEU A 18 -10.98 5.30 7.05
N LEU A 19 -10.30 5.96 6.12
CA LEU A 19 -10.14 7.40 6.17
C LEU A 19 -11.52 8.05 6.23
N GLU A 20 -12.39 7.66 5.29
CA GLU A 20 -13.75 8.14 5.21
C GLU A 20 -14.47 7.93 6.54
N LYS A 21 -14.58 6.68 6.98
CA LYS A 21 -15.33 6.34 8.19
C LYS A 21 -14.74 7.02 9.44
N SER A 22 -13.41 7.12 9.50
CA SER A 22 -12.71 7.77 10.58
C SER A 22 -13.08 9.24 10.65
N THR A 23 -12.89 9.97 9.54
CA THR A 23 -13.19 11.40 9.42
C THR A 23 -12.23 12.29 10.22
N ARG A 24 -11.73 11.83 11.36
CA ARG A 24 -10.65 12.45 12.13
C ARG A 24 -9.53 12.89 11.16
N LYS A 25 -8.79 13.96 11.51
CA LYS A 25 -7.78 14.59 10.66
C LYS A 25 -6.60 13.65 10.27
N ARG A 26 -6.66 12.37 10.64
CA ARG A 26 -5.62 11.40 10.34
C ARG A 26 -5.53 11.12 8.84
N LEU A 27 -6.57 11.47 8.07
CA LEU A 27 -6.70 11.09 6.66
C LEU A 27 -5.39 11.25 5.91
N ARG A 28 -4.82 12.45 5.89
CA ARG A 28 -3.60 12.76 5.15
C ARG A 28 -2.43 11.91 5.63
N ASP A 29 -2.20 11.89 6.94
CA ASP A 29 -1.11 11.14 7.57
C ASP A 29 -1.20 9.67 7.16
N THR A 30 -2.37 9.09 7.41
CA THR A 30 -2.69 7.70 7.15
C THR A 30 -2.51 7.41 5.65
N LEU A 31 -3.10 8.25 4.79
CA LEU A 31 -3.03 8.15 3.35
C LEU A 31 -1.57 8.10 2.89
N THR A 32 -0.79 9.14 3.20
CA THR A 32 0.59 9.23 2.75
C THR A 32 1.39 8.01 3.23
N SER A 33 1.27 7.68 4.52
CA SER A 33 1.95 6.52 5.10
C SER A 33 1.62 5.25 4.33
N GLU A 34 0.32 4.91 4.23
CA GLU A 34 -0.09 3.66 3.62
C GLU A 34 0.25 3.65 2.13
N LYS A 35 0.04 4.76 1.43
CA LYS A 35 0.43 4.93 0.03
C LYS A 35 1.90 4.56 -0.12
N SER A 36 2.78 5.15 0.71
CA SER A 36 4.19 4.86 0.68
C SER A 36 4.43 3.35 0.84
N LYS A 37 3.84 2.72 1.86
CA LYS A 37 3.93 1.28 2.06
C LYS A 37 3.50 0.52 0.81
N ILE A 38 2.30 0.79 0.27
CA ILE A 38 1.78 0.14 -0.92
C ILE A 38 2.80 0.22 -2.06
N GLU A 39 3.28 1.44 -2.36
CA GLU A 39 4.28 1.62 -3.41
C GLU A 39 5.55 0.82 -3.11
N THR A 40 6.06 0.89 -1.88
CA THR A 40 7.24 0.16 -1.45
C THR A 40 7.06 -1.34 -1.72
N GLU A 41 5.95 -1.92 -1.23
CA GLU A 41 5.62 -3.32 -1.42
C GLU A 41 5.53 -3.64 -2.91
N LEU A 42 4.76 -2.86 -3.66
CA LEU A 42 4.55 -3.05 -5.09
C LEU A 42 5.90 -3.12 -5.82
N LYS A 43 6.76 -2.12 -5.60
CA LYS A 43 8.08 -2.09 -6.21
C LYS A 43 8.88 -3.31 -5.76
N ASN A 44 9.03 -3.50 -4.45
CA ASN A 44 9.71 -4.66 -3.87
C ASN A 44 9.29 -5.96 -4.55
N LYS A 45 8.00 -6.22 -4.69
CA LYS A 45 7.50 -7.46 -5.28
C LYS A 45 7.98 -7.69 -6.73
N MET A 46 8.41 -6.65 -7.45
CA MET A 46 9.00 -6.83 -8.79
C MET A 46 10.33 -7.58 -8.70
N GLN A 47 11.10 -7.32 -7.65
CA GLN A 47 12.40 -7.93 -7.37
C GLN A 47 12.53 -8.02 -5.86
N GLN A 48 11.97 -9.09 -5.29
CA GLN A 48 11.79 -9.22 -3.84
C GLN A 48 13.11 -9.11 -3.06
N LYS A 49 13.30 -7.97 -2.39
CA LYS A 49 14.42 -7.70 -1.51
C LYS A 49 14.06 -8.07 -0.07
N SER A 50 12.80 -7.86 0.31
CA SER A 50 12.30 -8.13 1.66
C SER A 50 12.08 -9.64 1.85
N GLN A 51 13.14 -10.43 1.68
CA GLN A 51 13.08 -11.88 1.74
C GLN A 51 13.06 -12.33 3.21
N LYS A 52 11.94 -12.05 3.89
CA LYS A 52 11.72 -12.47 5.27
C LYS A 52 11.58 -13.99 5.35
N LYS A 53 12.72 -14.68 5.34
CA LYS A 53 12.79 -16.11 5.60
C LYS A 53 12.06 -16.40 6.92
N PRO A 54 11.31 -17.51 7.02
CA PRO A 54 10.50 -17.82 8.18
C PRO A 54 11.38 -18.09 9.40
N GLU A 55 11.63 -17.04 10.19
CA GLU A 55 12.49 -17.08 11.36
C GLU A 55 12.08 -18.24 12.29
N MET A 1 1.15 -12.78 -8.80
CA MET A 1 1.35 -11.37 -9.02
C MET A 1 -0.02 -10.69 -9.08
N ALA A 2 -0.94 -11.24 -9.85
CA ALA A 2 -2.34 -10.81 -9.82
C ALA A 2 -2.86 -10.88 -8.38
N SER A 3 -2.46 -11.94 -7.66
CA SER A 3 -2.65 -12.09 -6.23
C SER A 3 -2.23 -10.82 -5.49
N VAL A 4 -0.94 -10.52 -5.54
CA VAL A 4 -0.33 -9.35 -4.92
C VAL A 4 -1.12 -8.09 -5.27
N LEU A 5 -1.35 -7.85 -6.57
CA LEU A 5 -2.08 -6.68 -7.03
C LEU A 5 -3.45 -6.59 -6.37
N GLU A 6 -4.22 -7.68 -6.38
CA GLU A 6 -5.53 -7.71 -5.73
C GLU A 6 -5.41 -7.44 -4.22
N GLU A 7 -4.42 -8.05 -3.55
CA GLU A 7 -4.19 -7.81 -2.13
C GLU A 7 -3.95 -6.31 -1.86
N LEU A 8 -3.05 -5.70 -2.63
CA LEU A 8 -2.76 -4.27 -2.52
C LEU A 8 -4.03 -3.45 -2.79
N GLN A 9 -4.80 -3.80 -3.83
CA GLN A 9 -6.06 -3.15 -4.13
C GLN A 9 -6.99 -3.22 -2.92
N LYS A 10 -7.18 -4.41 -2.35
CA LYS A 10 -8.02 -4.62 -1.19
C LYS A 10 -7.55 -3.73 -0.04
N ASP A 11 -6.25 -3.73 0.24
CA ASP A 11 -5.67 -2.88 1.27
C ASP A 11 -6.03 -1.40 1.02
N LEU A 12 -5.86 -0.94 -0.22
CA LEU A 12 -6.22 0.42 -0.59
C LEU A 12 -7.72 0.65 -0.36
N GLU A 13 -8.58 -0.27 -0.79
CA GLU A 13 -10.01 -0.17 -0.57
C GLU A 13 -10.29 0.02 0.93
N GLU A 14 -9.66 -0.81 1.76
CA GLU A 14 -9.73 -0.67 3.20
C GLU A 14 -9.24 0.72 3.63
N VAL A 15 -8.14 1.21 3.06
CA VAL A 15 -7.65 2.54 3.41
C VAL A 15 -8.70 3.59 3.08
N LYS A 16 -9.35 3.52 1.91
CA LYS A 16 -10.44 4.44 1.56
C LYS A 16 -11.48 4.47 2.69
N VAL A 17 -11.95 3.28 3.09
CA VAL A 17 -12.90 3.16 4.19
C VAL A 17 -12.35 3.84 5.45
N LEU A 18 -11.08 3.58 5.81
CA LEU A 18 -10.45 4.28 6.92
C LEU A 18 -10.48 5.79 6.72
N LEU A 19 -10.14 6.31 5.54
CA LEU A 19 -10.12 7.75 5.31
C LEU A 19 -11.51 8.31 5.60
N GLU A 20 -12.53 7.69 5.03
CA GLU A 20 -13.92 8.09 5.21
C GLU A 20 -14.26 8.15 6.71
N LYS A 21 -14.10 7.04 7.42
CA LYS A 21 -14.45 6.97 8.84
C LYS A 21 -13.61 7.93 9.67
N SER A 22 -12.29 7.92 9.46
CA SER A 22 -11.33 8.67 10.26
C SER A 22 -11.25 10.11 9.78
N THR A 23 -12.39 10.79 9.69
CA THR A 23 -12.52 12.09 9.06
C THR A 23 -11.73 13.18 9.81
N ARG A 24 -11.44 12.97 11.10
CA ARG A 24 -10.70 13.92 11.91
C ARG A 24 -9.20 13.86 11.56
N LYS A 25 -8.82 14.43 10.42
CA LYS A 25 -7.48 14.64 9.89
C LYS A 25 -6.66 13.37 9.56
N ARG A 26 -6.82 12.30 10.34
CA ARG A 26 -6.18 11.00 10.17
C ARG A 26 -6.02 10.60 8.70
N LEU A 27 -7.02 10.90 7.86
CA LEU A 27 -6.98 10.66 6.42
C LEU A 27 -5.58 10.88 5.84
N ARG A 28 -4.99 12.05 6.12
CA ARG A 28 -3.69 12.44 5.61
C ARG A 28 -2.64 11.41 6.02
N ASP A 29 -2.46 11.26 7.33
CA ASP A 29 -1.48 10.36 7.94
C ASP A 29 -1.64 8.96 7.35
N THR A 30 -2.85 8.43 7.47
CA THR A 30 -3.24 7.09 7.07
C THR A 30 -2.91 6.89 5.59
N LEU A 31 -3.45 7.73 4.72
CA LEU A 31 -3.25 7.64 3.28
C LEU A 31 -1.76 7.63 2.97
N THR A 32 -1.02 8.63 3.48
CA THR A 32 0.38 8.80 3.12
C THR A 32 1.21 7.58 3.58
N SER A 33 1.06 7.20 4.85
CA SER A 33 1.79 6.07 5.40
C SER A 33 1.48 4.80 4.61
N GLU A 34 0.19 4.48 4.47
CA GLU A 34 -0.23 3.29 3.76
C GLU A 34 0.29 3.32 2.33
N LYS A 35 0.04 4.40 1.59
CA LYS A 35 0.54 4.58 0.23
C LYS A 35 2.05 4.29 0.17
N SER A 36 2.82 4.86 1.09
CA SER A 36 4.26 4.60 1.13
C SER A 36 4.54 3.10 1.22
N LYS A 37 3.94 2.41 2.20
CA LYS A 37 4.09 0.97 2.34
C LYS A 37 3.68 0.23 1.06
N ILE A 38 2.48 0.50 0.55
CA ILE A 38 1.95 -0.10 -0.67
C ILE A 38 2.96 0.04 -1.80
N GLU A 39 3.43 1.26 -2.08
CA GLU A 39 4.41 1.53 -3.12
C GLU A 39 5.70 0.75 -2.88
N THR A 40 6.22 0.83 -1.65
CA THR A 40 7.44 0.12 -1.26
C THR A 40 7.33 -1.37 -1.56
N GLU A 41 6.25 -2.00 -1.08
CA GLU A 41 5.98 -3.42 -1.29
C GLU A 41 5.86 -3.72 -2.79
N LEU A 42 4.97 -3.00 -3.47
CA LEU A 42 4.71 -3.15 -4.90
C LEU A 42 6.04 -3.11 -5.68
N LYS A 43 6.86 -2.10 -5.42
CA LYS A 43 8.18 -2.00 -6.02
C LYS A 43 8.98 -3.27 -5.71
N ASN A 44 9.27 -3.52 -4.44
CA ASN A 44 10.19 -4.58 -4.04
C ASN A 44 9.76 -5.95 -4.56
N LYS A 45 8.46 -6.22 -4.59
CA LYS A 45 7.94 -7.48 -5.10
C LYS A 45 8.21 -7.64 -6.60
N MET A 46 8.20 -6.56 -7.39
CA MET A 46 8.48 -6.63 -8.82
C MET A 46 9.98 -6.44 -9.06
N GLN A 47 10.46 -5.23 -8.80
CA GLN A 47 11.84 -4.82 -8.94
C GLN A 47 12.58 -5.29 -7.70
N GLN A 48 12.77 -6.61 -7.61
CA GLN A 48 13.51 -7.26 -6.53
C GLN A 48 14.92 -6.65 -6.44
N LYS A 49 15.47 -6.57 -5.23
CA LYS A 49 16.80 -6.00 -5.02
C LYS A 49 17.86 -7.08 -5.30
N SER A 50 17.80 -7.65 -6.50
CA SER A 50 18.63 -8.67 -7.12
C SER A 50 17.75 -9.29 -8.21
N GLN A 51 18.22 -10.37 -8.86
CA GLN A 51 17.38 -11.12 -9.79
C GLN A 51 16.25 -11.83 -9.01
N LYS A 52 16.62 -12.63 -8.00
CA LYS A 52 15.65 -13.27 -7.12
C LYS A 52 15.32 -12.36 -5.93
N LYS A 53 14.43 -12.82 -5.05
CA LYS A 53 14.10 -12.15 -3.81
C LYS A 53 15.38 -11.92 -2.98
N PRO A 54 15.57 -10.73 -2.40
CA PRO A 54 16.74 -10.42 -1.59
C PRO A 54 16.64 -11.11 -0.22
N GLU A 55 16.66 -12.43 -0.20
CA GLU A 55 16.55 -13.21 1.02
C GLU A 55 17.76 -12.92 1.93
N MET A 1 1.85 -12.91 -9.36
CA MET A 1 1.79 -11.72 -8.54
C MET A 1 0.35 -11.20 -8.38
N ALA A 2 -0.56 -11.69 -9.23
CA ALA A 2 -1.97 -11.29 -9.24
C ALA A 2 -2.55 -11.21 -7.83
N SER A 3 -2.37 -12.29 -7.05
CA SER A 3 -2.81 -12.35 -5.67
C SER A 3 -2.31 -11.17 -4.84
N VAL A 4 -1.05 -10.77 -5.04
CA VAL A 4 -0.48 -9.66 -4.30
C VAL A 4 -1.05 -8.34 -4.83
N LEU A 5 -1.22 -8.19 -6.15
CA LEU A 5 -1.90 -7.02 -6.69
C LEU A 5 -3.30 -6.87 -6.06
N GLU A 6 -4.05 -7.97 -5.99
CA GLU A 6 -5.34 -8.02 -5.30
C GLU A 6 -5.18 -7.59 -3.84
N GLU A 7 -4.20 -8.17 -3.13
CA GLU A 7 -3.89 -7.81 -1.74
C GLU A 7 -3.71 -6.29 -1.61
N LEU A 8 -2.86 -5.70 -2.46
CA LEU A 8 -2.56 -4.28 -2.46
C LEU A 8 -3.83 -3.48 -2.77
N GLN A 9 -4.63 -3.91 -3.74
CA GLN A 9 -5.91 -3.26 -4.03
C GLN A 9 -6.82 -3.30 -2.80
N LYS A 10 -6.91 -4.45 -2.12
CA LYS A 10 -7.66 -4.58 -0.88
C LYS A 10 -7.12 -3.59 0.16
N ASP A 11 -5.79 -3.48 0.30
CA ASP A 11 -5.19 -2.54 1.24
C ASP A 11 -5.57 -1.10 0.88
N LEU A 12 -5.52 -0.76 -0.41
CA LEU A 12 -5.98 0.52 -0.94
C LEU A 12 -7.42 0.77 -0.51
N GLU A 13 -8.31 -0.20 -0.77
CA GLU A 13 -9.70 -0.12 -0.35
C GLU A 13 -9.81 0.10 1.16
N GLU A 14 -9.02 -0.62 1.95
CA GLU A 14 -9.02 -0.50 3.40
C GLU A 14 -8.70 0.95 3.80
N VAL A 15 -7.60 1.52 3.31
CA VAL A 15 -7.33 2.92 3.61
C VAL A 15 -8.48 3.80 3.13
N LYS A 16 -8.98 3.63 1.90
CA LYS A 16 -10.08 4.42 1.39
C LYS A 16 -11.25 4.43 2.39
N VAL A 17 -11.68 3.24 2.83
CA VAL A 17 -12.71 3.09 3.85
C VAL A 17 -12.34 3.89 5.11
N LEU A 18 -11.09 3.77 5.60
CA LEU A 18 -10.66 4.59 6.73
C LEU A 18 -10.74 6.08 6.42
N LEU A 19 -10.35 6.54 5.23
CA LEU A 19 -10.46 7.95 4.86
C LEU A 19 -11.91 8.40 4.99
N GLU A 20 -12.85 7.60 4.48
CA GLU A 20 -14.26 7.89 4.61
C GLU A 20 -14.66 7.96 6.10
N LYS A 21 -14.51 6.84 6.82
CA LYS A 21 -15.04 6.68 8.16
C LYS A 21 -14.37 7.56 9.21
N SER A 22 -13.04 7.68 9.16
CA SER A 22 -12.27 8.35 10.20
C SER A 22 -12.48 9.86 10.11
N THR A 23 -12.30 10.42 8.92
CA THR A 23 -12.56 11.81 8.56
C THR A 23 -11.68 12.87 9.24
N ARG A 24 -11.17 12.62 10.44
CA ARG A 24 -10.28 13.55 11.12
C ARG A 24 -8.95 13.69 10.38
N LYS A 25 -8.01 14.44 10.96
CA LYS A 25 -6.63 14.55 10.49
C LYS A 25 -5.99 13.18 10.20
N ARG A 26 -6.52 12.10 10.79
CA ARG A 26 -6.08 10.74 10.55
C ARG A 26 -5.90 10.47 9.07
N LEU A 27 -6.78 11.03 8.23
CA LEU A 27 -6.68 10.95 6.78
C LEU A 27 -5.25 11.17 6.30
N ARG A 28 -4.59 12.24 6.77
CA ARG A 28 -3.25 12.58 6.29
C ARG A 28 -2.29 11.43 6.61
N ASP A 29 -2.21 11.08 7.90
CA ASP A 29 -1.33 10.05 8.43
C ASP A 29 -1.57 8.74 7.69
N THR A 30 -2.82 8.29 7.71
CA THR A 30 -3.26 7.02 7.16
C THR A 30 -2.96 6.97 5.65
N LEU A 31 -3.34 8.02 4.91
CA LEU A 31 -3.06 8.10 3.48
C LEU A 31 -1.56 7.96 3.26
N THR A 32 -0.75 8.82 3.90
CA THR A 32 0.68 8.84 3.68
C THR A 32 1.30 7.46 3.96
N SER A 33 1.03 6.93 5.15
CA SER A 33 1.58 5.63 5.57
C SER A 33 1.16 4.53 4.61
N GLU A 34 -0.15 4.39 4.37
CA GLU A 34 -0.64 3.31 3.53
C GLU A 34 -0.10 3.45 2.10
N LYS A 35 -0.12 4.67 1.54
CA LYS A 35 0.46 4.94 0.23
C LYS A 35 1.92 4.47 0.21
N SER A 36 2.71 4.89 1.20
CA SER A 36 4.11 4.48 1.30
C SER A 36 4.24 2.96 1.29
N LYS A 37 3.52 2.28 2.19
CA LYS A 37 3.49 0.82 2.23
C LYS A 37 3.17 0.24 0.85
N ILE A 38 2.03 0.61 0.26
CA ILE A 38 1.58 0.09 -1.02
C ILE A 38 2.68 0.27 -2.07
N GLU A 39 3.18 1.50 -2.24
CA GLU A 39 4.22 1.79 -3.21
C GLU A 39 5.47 0.95 -2.94
N THR A 40 5.91 0.88 -1.69
CA THR A 40 7.09 0.10 -1.30
C THR A 40 6.92 -1.38 -1.67
N GLU A 41 5.79 -1.97 -1.27
CA GLU A 41 5.49 -3.37 -1.50
C GLU A 41 5.42 -3.65 -3.00
N LEU A 42 4.68 -2.81 -3.74
CA LEU A 42 4.60 -2.86 -5.19
C LEU A 42 6.00 -2.83 -5.81
N LYS A 43 6.79 -1.79 -5.48
CA LYS A 43 8.12 -1.62 -6.03
C LYS A 43 9.04 -2.78 -5.67
N ASN A 44 8.87 -3.38 -4.47
CA ASN A 44 9.56 -4.62 -4.17
C ASN A 44 9.14 -5.69 -5.16
N LYS A 45 7.84 -6.00 -5.22
CA LYS A 45 7.34 -7.08 -6.07
C LYS A 45 7.76 -6.92 -7.54
N MET A 46 7.90 -5.68 -8.02
CA MET A 46 8.46 -5.43 -9.35
C MET A 46 9.81 -6.11 -9.55
N GLN A 47 10.77 -6.00 -8.61
CA GLN A 47 12.13 -6.51 -8.81
C GLN A 47 12.93 -6.64 -7.50
N GLN A 48 12.35 -7.21 -6.44
CA GLN A 48 13.08 -7.40 -5.19
C GLN A 48 14.13 -8.49 -5.35
N LYS A 49 15.30 -8.13 -5.91
CA LYS A 49 16.49 -8.98 -5.94
C LYS A 49 16.93 -9.21 -4.49
N SER A 50 16.24 -10.10 -3.80
CA SER A 50 16.36 -10.36 -2.38
C SER A 50 17.59 -11.25 -2.16
N GLN A 51 18.78 -10.68 -2.42
CA GLN A 51 20.08 -11.34 -2.48
C GLN A 51 20.16 -12.27 -3.70
N LYS A 52 19.20 -13.17 -3.87
CA LYS A 52 19.00 -13.98 -5.06
C LYS A 52 17.74 -13.49 -5.78
N LYS A 53 17.34 -14.16 -6.85
CA LYS A 53 16.05 -13.90 -7.49
C LYS A 53 14.94 -14.32 -6.52
N PRO A 54 13.84 -13.55 -6.43
CA PRO A 54 12.73 -13.85 -5.54
C PRO A 54 11.89 -15.01 -6.10
N GLU A 55 12.47 -16.19 -6.18
CA GLU A 55 11.80 -17.39 -6.69
C GLU A 55 10.58 -17.69 -5.82
N MET A 1 1.64 -13.33 -7.24
CA MET A 1 1.79 -12.00 -7.81
C MET A 1 0.40 -11.38 -7.91
N ALA A 2 -0.52 -12.07 -8.60
CA ALA A 2 -1.93 -11.72 -8.62
C ALA A 2 -2.48 -11.63 -7.20
N SER A 3 -2.05 -12.57 -6.35
CA SER A 3 -2.28 -12.56 -4.91
C SER A 3 -1.93 -11.20 -4.32
N VAL A 4 -0.70 -10.73 -4.59
CA VAL A 4 -0.23 -9.46 -4.07
C VAL A 4 -0.99 -8.30 -4.69
N LEU A 5 -1.32 -8.33 -6.00
CA LEU A 5 -2.19 -7.31 -6.58
C LEU A 5 -3.51 -7.24 -5.82
N GLU A 6 -4.14 -8.39 -5.56
CA GLU A 6 -5.37 -8.48 -4.78
C GLU A 6 -5.16 -7.84 -3.39
N GLU A 7 -4.10 -8.25 -2.69
CA GLU A 7 -3.71 -7.68 -1.41
C GLU A 7 -3.67 -6.16 -1.50
N LEU A 8 -2.87 -5.62 -2.42
CA LEU A 8 -2.67 -4.19 -2.58
C LEU A 8 -4.01 -3.50 -2.84
N GLN A 9 -4.83 -4.04 -3.75
CA GLN A 9 -6.14 -3.48 -4.03
C GLN A 9 -7.01 -3.45 -2.76
N LYS A 10 -7.09 -4.57 -2.04
CA LYS A 10 -7.85 -4.61 -0.80
C LYS A 10 -7.32 -3.57 0.19
N ASP A 11 -6.00 -3.48 0.32
CA ASP A 11 -5.37 -2.49 1.20
C ASP A 11 -5.77 -1.06 0.78
N LEU A 12 -5.76 -0.80 -0.53
CA LEU A 12 -6.23 0.46 -1.13
C LEU A 12 -7.67 0.73 -0.67
N GLU A 13 -8.55 -0.24 -0.87
CA GLU A 13 -9.95 -0.17 -0.44
C GLU A 13 -10.03 0.16 1.06
N GLU A 14 -9.24 -0.54 1.88
CA GLU A 14 -9.21 -0.31 3.31
C GLU A 14 -8.86 1.16 3.61
N VAL A 15 -7.77 1.67 3.05
CA VAL A 15 -7.46 3.09 3.28
C VAL A 15 -8.58 3.98 2.76
N LYS A 16 -9.18 3.71 1.60
CA LYS A 16 -10.31 4.51 1.12
C LYS A 16 -11.43 4.55 2.18
N VAL A 17 -11.86 3.38 2.67
CA VAL A 17 -12.87 3.26 3.70
C VAL A 17 -12.49 4.13 4.91
N LEU A 18 -11.28 3.95 5.44
CA LEU A 18 -10.82 4.73 6.59
C LEU A 18 -10.79 6.23 6.28
N LEU A 19 -10.32 6.60 5.09
CA LEU A 19 -10.21 7.98 4.60
C LEU A 19 -11.59 8.63 4.63
N GLU A 20 -12.60 7.94 4.10
CA GLU A 20 -13.97 8.41 4.13
C GLU A 20 -14.45 8.61 5.58
N LYS A 21 -14.24 7.59 6.42
CA LYS A 21 -14.83 7.55 7.75
C LYS A 21 -14.09 8.42 8.77
N SER A 22 -12.84 8.10 9.08
CA SER A 22 -12.12 8.71 10.19
C SER A 22 -11.56 10.09 9.85
N THR A 23 -12.46 11.03 9.55
CA THR A 23 -12.23 12.43 9.25
C THR A 23 -11.29 13.17 10.22
N ARG A 24 -11.10 12.65 11.44
CA ARG A 24 -10.36 13.28 12.52
C ARG A 24 -8.85 13.27 12.27
N LYS A 25 -8.37 13.98 11.24
CA LYS A 25 -6.97 14.15 10.86
C LYS A 25 -6.33 12.89 10.27
N ARG A 26 -6.58 11.74 10.90
CA ARG A 26 -6.11 10.41 10.53
C ARG A 26 -5.95 10.20 9.02
N LEU A 27 -6.87 10.72 8.21
CA LEU A 27 -6.77 10.77 6.74
C LEU A 27 -5.32 10.96 6.29
N ARG A 28 -4.68 12.03 6.76
CA ARG A 28 -3.32 12.39 6.37
C ARG A 28 -2.37 11.23 6.68
N ASP A 29 -2.26 10.89 7.96
CA ASP A 29 -1.36 9.86 8.46
C ASP A 29 -1.57 8.55 7.70
N THR A 30 -2.82 8.10 7.67
CA THR A 30 -3.25 6.85 7.07
C THR A 30 -2.90 6.85 5.59
N LEU A 31 -3.26 7.91 4.85
CA LEU A 31 -2.99 7.99 3.42
C LEU A 31 -1.49 7.88 3.19
N THR A 32 -0.69 8.71 3.86
CA THR A 32 0.76 8.67 3.73
C THR A 32 1.29 7.26 3.95
N SER A 33 0.94 6.68 5.11
CA SER A 33 1.42 5.37 5.51
C SER A 33 1.04 4.31 4.48
N GLU A 34 -0.25 4.19 4.18
CA GLU A 34 -0.74 3.14 3.31
C GLU A 34 -0.17 3.31 1.91
N LYS A 35 -0.18 4.53 1.38
CA LYS A 35 0.44 4.82 0.09
C LYS A 35 1.88 4.34 0.09
N SER A 36 2.67 4.73 1.10
CA SER A 36 4.06 4.31 1.20
C SER A 36 4.17 2.79 1.17
N LYS A 37 3.45 2.08 2.03
CA LYS A 37 3.46 0.62 2.06
C LYS A 37 3.12 0.04 0.68
N ILE A 38 1.96 0.43 0.12
CA ILE A 38 1.49 -0.04 -1.17
C ILE A 38 2.59 0.14 -2.22
N GLU A 39 3.10 1.36 -2.38
CA GLU A 39 4.15 1.66 -3.34
C GLU A 39 5.39 0.80 -3.08
N THR A 40 5.85 0.74 -1.83
CA THR A 40 7.01 -0.03 -1.44
C THR A 40 6.84 -1.49 -1.89
N GLU A 41 5.74 -2.13 -1.49
CA GLU A 41 5.43 -3.50 -1.86
C GLU A 41 5.41 -3.67 -3.39
N LEU A 42 4.57 -2.87 -4.05
CA LEU A 42 4.38 -2.89 -5.49
C LEU A 42 5.72 -2.83 -6.22
N LYS A 43 6.54 -1.83 -5.89
CA LYS A 43 7.86 -1.69 -6.47
C LYS A 43 8.72 -2.92 -6.14
N ASN A 44 8.83 -3.22 -4.84
CA ASN A 44 9.68 -4.26 -4.29
C ASN A 44 9.50 -5.60 -5.00
N LYS A 45 8.26 -6.05 -5.19
CA LYS A 45 8.03 -7.34 -5.84
C LYS A 45 8.55 -7.35 -7.29
N MET A 46 8.56 -6.20 -7.96
CA MET A 46 9.11 -6.10 -9.30
C MET A 46 10.64 -6.01 -9.20
N GLN A 47 11.14 -4.89 -8.66
CA GLN A 47 12.56 -4.67 -8.40
C GLN A 47 12.74 -4.50 -6.90
N GLN A 48 13.59 -5.34 -6.31
CA GLN A 48 13.73 -5.50 -4.87
C GLN A 48 14.46 -4.31 -4.25
N LYS A 49 13.75 -3.19 -4.16
CA LYS A 49 14.22 -1.89 -3.67
C LYS A 49 15.25 -1.30 -4.62
N SER A 50 16.41 -1.96 -4.74
CA SER A 50 17.38 -1.64 -5.76
C SER A 50 16.81 -2.03 -7.13
N GLN A 51 17.11 -1.25 -8.17
CA GLN A 51 16.72 -1.60 -9.52
C GLN A 51 17.45 -2.89 -9.94
N LYS A 52 16.72 -3.84 -10.54
CA LYS A 52 17.35 -4.98 -11.17
C LYS A 52 18.14 -4.52 -12.40
N LYS A 53 19.00 -5.39 -12.92
CA LYS A 53 19.66 -5.15 -14.20
C LYS A 53 18.60 -5.06 -15.32
N PRO A 54 18.93 -4.50 -16.49
CA PRO A 54 18.09 -4.53 -17.70
C PRO A 54 17.85 -5.97 -18.21
N GLU A 55 17.14 -6.79 -17.44
CA GLU A 55 16.95 -8.21 -17.72
C GLU A 55 15.99 -8.38 -18.90
N MET A 1 0.96 -12.98 -9.10
CA MET A 1 0.52 -11.75 -9.74
C MET A 1 -0.87 -11.37 -9.23
N ALA A 2 -1.78 -12.36 -9.19
CA ALA A 2 -3.06 -12.19 -8.53
C ALA A 2 -2.84 -11.79 -7.07
N SER A 3 -1.84 -12.40 -6.43
CA SER A 3 -1.32 -12.03 -5.13
C SER A 3 -1.11 -10.52 -5.05
N VAL A 4 -0.25 -10.01 -5.93
CA VAL A 4 0.14 -8.61 -6.01
C VAL A 4 -1.11 -7.74 -6.17
N LEU A 5 -1.93 -8.04 -7.19
CA LEU A 5 -3.17 -7.29 -7.43
C LEU A 5 -4.01 -7.24 -6.16
N GLU A 6 -4.33 -8.40 -5.59
CA GLU A 6 -5.19 -8.50 -4.42
C GLU A 6 -4.63 -7.73 -3.22
N GLU A 7 -3.36 -7.93 -2.86
CA GLU A 7 -2.82 -7.24 -1.68
C GLU A 7 -2.90 -5.72 -1.86
N LEU A 8 -2.46 -5.21 -3.02
CA LEU A 8 -2.50 -3.78 -3.28
C LEU A 8 -3.95 -3.28 -3.29
N GLN A 9 -4.87 -4.02 -3.93
CA GLN A 9 -6.29 -3.67 -3.93
C GLN A 9 -6.82 -3.59 -2.51
N LYS A 10 -6.63 -4.65 -1.71
CA LYS A 10 -7.09 -4.71 -0.33
C LYS A 10 -6.54 -3.51 0.45
N ASP A 11 -5.23 -3.27 0.35
CA ASP A 11 -4.60 -2.13 0.99
C ASP A 11 -5.32 -0.81 0.60
N LEU A 12 -5.48 -0.58 -0.71
CA LEU A 12 -6.17 0.59 -1.24
C LEU A 12 -7.57 0.70 -0.62
N GLU A 13 -8.33 -0.39 -0.69
CA GLU A 13 -9.67 -0.51 -0.13
C GLU A 13 -9.66 -0.08 1.34
N GLU A 14 -8.72 -0.61 2.12
CA GLU A 14 -8.60 -0.31 3.53
C GLU A 14 -8.44 1.20 3.74
N VAL A 15 -7.42 1.81 3.14
CA VAL A 15 -7.24 3.25 3.32
C VAL A 15 -8.47 4.03 2.84
N LYS A 16 -9.04 3.67 1.70
CA LYS A 16 -10.23 4.34 1.18
C LYS A 16 -11.36 4.30 2.23
N VAL A 17 -11.68 3.09 2.71
CA VAL A 17 -12.70 2.88 3.74
C VAL A 17 -12.39 3.74 4.98
N LEU A 18 -11.17 3.65 5.53
CA LEU A 18 -10.83 4.41 6.73
C LEU A 18 -10.89 5.92 6.47
N LEU A 19 -10.43 6.37 5.31
CA LEU A 19 -10.51 7.77 4.89
C LEU A 19 -11.97 8.23 4.92
N GLU A 20 -12.87 7.46 4.30
CA GLU A 20 -14.29 7.77 4.32
C GLU A 20 -14.84 7.79 5.75
N LYS A 21 -14.63 6.72 6.50
CA LYS A 21 -15.23 6.54 7.82
C LYS A 21 -14.55 7.41 8.87
N SER A 22 -13.30 7.11 9.21
CA SER A 22 -12.60 7.75 10.32
C SER A 22 -12.01 9.08 9.87
N THR A 23 -12.86 9.99 9.38
CA THR A 23 -12.49 11.24 8.72
C THR A 23 -12.00 12.32 9.70
N ARG A 24 -11.03 11.96 10.55
CA ARG A 24 -10.30 12.86 11.42
C ARG A 24 -9.07 13.38 10.69
N LYS A 25 -8.33 14.30 11.32
CA LYS A 25 -7.05 14.79 10.83
C LYS A 25 -6.11 13.65 10.41
N ARG A 26 -6.24 12.49 11.06
CA ARG A 26 -5.37 11.35 10.78
C ARG A 26 -5.38 10.95 9.32
N LEU A 27 -6.40 11.32 8.54
CA LEU A 27 -6.42 11.07 7.10
C LEU A 27 -5.08 11.42 6.45
N ARG A 28 -4.46 12.54 6.82
CA ARG A 28 -3.16 12.90 6.27
C ARG A 28 -2.14 11.78 6.54
N ASP A 29 -1.91 11.50 7.82
CA ASP A 29 -0.97 10.49 8.32
C ASP A 29 -1.25 9.14 7.65
N THR A 30 -2.50 8.70 7.77
CA THR A 30 -3.04 7.45 7.29
C THR A 30 -2.78 7.32 5.78
N LEU A 31 -3.17 8.33 4.99
CA LEU A 31 -2.97 8.33 3.55
C LEU A 31 -1.48 8.20 3.24
N THR A 32 -0.65 9.07 3.81
CA THR A 32 0.80 9.04 3.57
C THR A 32 1.37 7.65 3.86
N SER A 33 1.05 7.12 5.05
CA SER A 33 1.53 5.81 5.49
C SER A 33 1.09 4.73 4.50
N GLU A 34 -0.20 4.70 4.17
CA GLU A 34 -0.70 3.65 3.29
C GLU A 34 -0.10 3.79 1.90
N LYS A 35 -0.01 5.00 1.35
CA LYS A 35 0.67 5.24 0.08
C LYS A 35 2.09 4.62 0.13
N SER A 36 2.82 4.90 1.22
CA SER A 36 4.12 4.31 1.43
C SER A 36 4.05 2.77 1.37
N LYS A 37 3.12 2.16 2.11
CA LYS A 37 2.89 0.72 2.04
C LYS A 37 2.66 0.23 0.61
N ILE A 38 1.72 0.85 -0.12
CA ILE A 38 1.40 0.50 -1.50
C ILE A 38 2.70 0.49 -2.31
N GLU A 39 3.41 1.61 -2.31
CA GLU A 39 4.64 1.76 -3.08
C GLU A 39 5.67 0.70 -2.66
N THR A 40 5.87 0.51 -1.35
CA THR A 40 6.79 -0.49 -0.82
C THR A 40 6.46 -1.87 -1.39
N GLU A 41 5.21 -2.33 -1.19
CA GLU A 41 4.76 -3.63 -1.64
C GLU A 41 4.89 -3.75 -3.16
N LEU A 42 4.36 -2.80 -3.91
CA LEU A 42 4.42 -2.78 -5.36
C LEU A 42 5.88 -2.91 -5.84
N LYS A 43 6.75 -2.02 -5.36
CA LYS A 43 8.17 -2.03 -5.71
C LYS A 43 8.79 -3.39 -5.39
N ASN A 44 8.54 -3.91 -4.18
CA ASN A 44 9.02 -5.22 -3.75
C ASN A 44 8.59 -6.29 -4.74
N LYS A 45 7.29 -6.38 -5.02
CA LYS A 45 6.72 -7.42 -5.85
C LYS A 45 7.20 -7.32 -7.31
N MET A 46 7.48 -6.13 -7.82
CA MET A 46 8.11 -6.02 -9.13
C MET A 46 9.58 -6.43 -9.03
N GLN A 47 10.36 -5.68 -8.24
CA GLN A 47 11.78 -5.96 -8.04
C GLN A 47 11.93 -7.04 -6.96
N GLN A 48 11.50 -8.27 -7.29
CA GLN A 48 11.71 -9.44 -6.46
C GLN A 48 13.19 -9.87 -6.53
N LYS A 49 14.00 -9.03 -5.88
CA LYS A 49 15.40 -9.18 -5.56
C LYS A 49 15.54 -8.42 -4.24
N SER A 50 15.11 -7.15 -4.26
CA SER A 50 14.95 -6.32 -3.08
C SER A 50 13.72 -6.81 -2.30
N GLN A 51 13.81 -8.00 -1.70
CA GLN A 51 12.71 -8.66 -1.01
C GLN A 51 12.16 -7.86 0.18
N LYS A 52 12.90 -6.85 0.66
CA LYS A 52 12.61 -6.09 1.87
C LYS A 52 12.62 -7.02 3.09
N LYS A 53 13.42 -8.09 3.03
CA LYS A 53 13.57 -9.03 4.14
C LYS A 53 14.33 -8.31 5.27
N PRO A 54 13.86 -8.36 6.52
CA PRO A 54 14.58 -7.81 7.65
C PRO A 54 15.83 -8.66 7.94
N GLU A 55 16.90 -8.03 8.42
CA GLU A 55 18.16 -8.69 8.73
C GLU A 55 17.92 -9.81 9.73
N MET A 1 1.77 -13.22 -9.05
CA MET A 1 1.81 -11.79 -8.78
C MET A 1 0.40 -11.24 -8.57
N ALA A 2 -0.54 -11.71 -9.41
CA ALA A 2 -1.94 -11.29 -9.41
C ALA A 2 -2.50 -11.22 -7.99
N SER A 3 -2.37 -12.30 -7.23
CA SER A 3 -2.81 -12.38 -5.85
C SER A 3 -2.26 -11.23 -5.00
N VAL A 4 -0.99 -10.87 -5.20
CA VAL A 4 -0.35 -9.81 -4.43
C VAL A 4 -0.88 -8.46 -4.89
N LEU A 5 -1.05 -8.26 -6.20
CA LEU A 5 -1.69 -7.04 -6.71
C LEU A 5 -3.09 -6.88 -6.10
N GLU A 6 -3.88 -7.95 -6.11
CA GLU A 6 -5.18 -7.99 -5.47
C GLU A 6 -5.07 -7.63 -3.99
N GLU A 7 -4.12 -8.24 -3.26
CA GLU A 7 -3.87 -7.95 -1.86
C GLU A 7 -3.62 -6.45 -1.66
N LEU A 8 -2.69 -5.88 -2.42
CA LEU A 8 -2.38 -4.45 -2.36
C LEU A 8 -3.64 -3.63 -2.65
N GLN A 9 -4.40 -3.99 -3.69
CA GLN A 9 -5.65 -3.31 -4.01
C GLN A 9 -6.64 -3.38 -2.84
N LYS A 10 -6.75 -4.53 -2.18
CA LYS A 10 -7.62 -4.69 -1.03
C LYS A 10 -7.15 -3.79 0.11
N ASP A 11 -5.85 -3.77 0.40
CA ASP A 11 -5.31 -2.88 1.41
C ASP A 11 -5.64 -1.43 1.09
N LEU A 12 -5.40 -1.02 -0.16
CA LEU A 12 -5.74 0.30 -0.69
C LEU A 12 -7.22 0.60 -0.40
N GLU A 13 -8.11 -0.31 -0.80
CA GLU A 13 -9.54 -0.19 -0.55
C GLU A 13 -9.82 0.01 0.95
N GLU A 14 -9.24 -0.84 1.80
CA GLU A 14 -9.44 -0.78 3.24
C GLU A 14 -9.05 0.62 3.74
N VAL A 15 -7.85 1.08 3.42
CA VAL A 15 -7.42 2.39 3.90
C VAL A 15 -8.28 3.50 3.30
N LYS A 16 -8.73 3.38 2.05
CA LYS A 16 -9.69 4.32 1.47
C LYS A 16 -10.96 4.36 2.32
N VAL A 17 -11.52 3.21 2.67
CA VAL A 17 -12.68 3.13 3.53
C VAL A 17 -12.40 3.85 4.86
N LEU A 18 -11.25 3.61 5.49
CA LEU A 18 -10.88 4.37 6.69
C LEU A 18 -10.84 5.87 6.42
N LEU A 19 -10.16 6.30 5.35
CA LEU A 19 -10.07 7.68 4.91
C LEU A 19 -11.47 8.31 4.88
N GLU A 20 -12.41 7.64 4.20
CA GLU A 20 -13.78 8.09 4.10
C GLU A 20 -14.44 8.17 5.49
N LYS A 21 -14.52 7.03 6.20
CA LYS A 21 -15.28 6.95 7.44
C LYS A 21 -14.69 7.84 8.53
N SER A 22 -13.41 7.62 8.83
CA SER A 22 -12.75 8.24 9.97
C SER A 22 -12.17 9.58 9.54
N THR A 23 -13.04 10.50 9.10
CA THR A 23 -12.68 11.75 8.45
C THR A 23 -12.14 12.82 9.42
N ARG A 24 -11.29 12.42 10.37
CA ARG A 24 -10.66 13.32 11.33
C ARG A 24 -9.32 13.80 10.76
N LYS A 25 -8.51 14.47 11.59
CA LYS A 25 -7.17 14.93 11.24
C LYS A 25 -6.34 13.82 10.59
N ARG A 26 -6.59 12.57 11.00
CA ARG A 26 -5.80 11.41 10.62
C ARG A 26 -5.69 11.16 9.12
N LEU A 27 -6.53 11.79 8.28
CA LEU A 27 -6.59 11.49 6.85
C LEU A 27 -5.20 11.45 6.22
N ARG A 28 -4.47 12.58 6.26
CA ARG A 28 -3.16 12.67 5.63
C ARG A 28 -2.18 11.67 6.23
N ASP A 29 -2.18 11.56 7.56
CA ASP A 29 -1.29 10.63 8.27
C ASP A 29 -1.51 9.22 7.73
N THR A 30 -2.76 8.77 7.79
CA THR A 30 -3.23 7.48 7.32
C THR A 30 -2.78 7.25 5.88
N LEU A 31 -3.15 8.20 5.01
CA LEU A 31 -2.87 8.13 3.58
C LEU A 31 -1.38 7.93 3.36
N THR A 32 -0.56 8.85 3.86
CA THR A 32 0.88 8.83 3.67
C THR A 32 1.46 7.51 4.18
N SER A 33 1.10 7.15 5.42
CA SER A 33 1.57 5.92 6.06
C SER A 33 1.30 4.72 5.15
N GLU A 34 0.03 4.47 4.81
CA GLU A 34 -0.28 3.26 4.07
C GLU A 34 0.26 3.33 2.64
N LYS A 35 0.13 4.50 1.98
CA LYS A 35 0.65 4.70 0.63
C LYS A 35 2.12 4.29 0.57
N SER A 36 2.95 4.72 1.54
CA SER A 36 4.36 4.37 1.52
C SER A 36 4.52 2.84 1.47
N LYS A 37 3.85 2.11 2.37
CA LYS A 37 3.93 0.66 2.43
C LYS A 37 3.45 0.04 1.12
N ILE A 38 2.27 0.46 0.62
CA ILE A 38 1.72 -0.02 -0.64
C ILE A 38 2.78 0.13 -1.74
N GLU A 39 3.28 1.34 -1.94
CA GLU A 39 4.27 1.63 -2.98
C GLU A 39 5.54 0.79 -2.78
N THR A 40 6.04 0.73 -1.55
CA THR A 40 7.21 -0.06 -1.22
C THR A 40 7.00 -1.51 -1.68
N GLU A 41 5.93 -2.15 -1.23
CA GLU A 41 5.67 -3.54 -1.57
C GLU A 41 5.41 -3.71 -3.07
N LEU A 42 4.58 -2.85 -3.66
CA LEU A 42 4.32 -2.83 -5.10
C LEU A 42 5.64 -2.92 -5.87
N LYS A 43 6.55 -1.96 -5.62
CA LYS A 43 7.84 -1.93 -6.30
C LYS A 43 8.69 -3.14 -5.92
N ASN A 44 8.78 -3.47 -4.64
CA ASN A 44 9.52 -4.62 -4.15
C ASN A 44 9.13 -5.90 -4.90
N LYS A 45 7.82 -6.08 -5.14
CA LYS A 45 7.33 -7.27 -5.80
C LYS A 45 7.63 -7.24 -7.30
N MET A 46 7.26 -6.17 -8.02
CA MET A 46 7.41 -6.17 -9.48
C MET A 46 8.85 -5.90 -9.94
N GLN A 47 9.56 -5.02 -9.23
CA GLN A 47 10.85 -4.47 -9.63
C GLN A 47 11.96 -5.03 -8.74
N GLN A 48 11.74 -5.05 -7.42
CA GLN A 48 12.61 -5.64 -6.41
C GLN A 48 13.91 -4.84 -6.24
N LYS A 49 14.80 -4.91 -7.23
CA LYS A 49 16.18 -4.44 -7.24
C LYS A 49 16.37 -3.18 -6.38
N SER A 50 15.59 -2.14 -6.66
CA SER A 50 15.51 -0.96 -5.81
C SER A 50 14.05 -0.51 -5.86
N GLN A 51 13.49 -0.10 -4.72
CA GLN A 51 12.10 0.29 -4.63
C GLN A 51 11.94 1.75 -5.07
N LYS A 52 12.28 2.01 -6.34
CA LYS A 52 12.25 3.35 -6.91
C LYS A 52 10.81 3.81 -7.13
N LYS A 53 10.18 4.26 -6.05
CA LYS A 53 8.86 4.90 -6.10
C LYS A 53 8.88 6.05 -7.13
N PRO A 54 7.84 6.24 -7.94
CA PRO A 54 7.71 7.37 -8.84
C PRO A 54 7.97 8.70 -8.13
N GLU A 55 7.44 8.84 -6.92
CA GLU A 55 7.61 10.02 -6.09
C GLU A 55 9.10 10.33 -5.92
N MET A 1 1.75 -13.13 -9.35
CA MET A 1 1.60 -12.29 -8.17
C MET A 1 0.21 -11.64 -8.10
N ALA A 2 -0.71 -12.07 -8.98
CA ALA A 2 -2.08 -11.57 -9.04
C ALA A 2 -2.70 -11.43 -7.65
N SER A 3 -2.66 -12.49 -6.86
CA SER A 3 -3.14 -12.52 -5.48
C SER A 3 -2.57 -11.37 -4.65
N VAL A 4 -1.27 -11.09 -4.80
CA VAL A 4 -0.62 -10.02 -4.06
C VAL A 4 -1.11 -8.68 -4.58
N LEU A 5 -1.22 -8.50 -5.90
CA LEU A 5 -1.77 -7.27 -6.45
C LEU A 5 -3.18 -7.02 -5.90
N GLU A 6 -4.03 -8.05 -5.92
CA GLU A 6 -5.35 -8.00 -5.32
C GLU A 6 -5.27 -7.61 -3.85
N GLU A 7 -4.40 -8.26 -3.07
CA GLU A 7 -4.18 -7.95 -1.67
C GLU A 7 -3.83 -6.47 -1.47
N LEU A 8 -2.86 -5.96 -2.22
CA LEU A 8 -2.47 -4.56 -2.15
C LEU A 8 -3.65 -3.66 -2.50
N GLN A 9 -4.39 -3.96 -3.58
CA GLN A 9 -5.59 -3.23 -3.94
C GLN A 9 -6.59 -3.21 -2.78
N LYS A 10 -6.80 -4.36 -2.14
CA LYS A 10 -7.68 -4.45 -1.00
C LYS A 10 -7.19 -3.55 0.13
N ASP A 11 -5.90 -3.60 0.47
CA ASP A 11 -5.34 -2.71 1.49
C ASP A 11 -5.64 -1.25 1.11
N LEU A 12 -5.38 -0.89 -0.15
CA LEU A 12 -5.76 0.41 -0.71
C LEU A 12 -7.24 0.68 -0.42
N GLU A 13 -8.12 -0.30 -0.66
CA GLU A 13 -9.55 -0.16 -0.42
C GLU A 13 -9.80 0.13 1.08
N GLU A 14 -9.12 -0.57 1.97
CA GLU A 14 -9.23 -0.33 3.41
C GLU A 14 -8.85 1.11 3.74
N VAL A 15 -7.67 1.59 3.34
CA VAL A 15 -7.33 2.99 3.62
C VAL A 15 -8.35 3.94 3.00
N LYS A 16 -8.82 3.69 1.77
CA LYS A 16 -9.86 4.52 1.16
C LYS A 16 -11.10 4.58 2.05
N VAL A 17 -11.62 3.42 2.47
CA VAL A 17 -12.76 3.35 3.37
C VAL A 17 -12.48 4.16 4.64
N LEU A 18 -11.35 3.93 5.30
CA LEU A 18 -10.98 4.70 6.47
C LEU A 18 -10.92 6.19 6.16
N LEU A 19 -10.39 6.58 5.00
CA LEU A 19 -10.27 7.97 4.60
C LEU A 19 -11.64 8.64 4.66
N GLU A 20 -12.64 8.00 4.04
CA GLU A 20 -14.00 8.49 4.05
C GLU A 20 -14.57 8.50 5.47
N LYS A 21 -14.49 7.37 6.18
CA LYS A 21 -15.19 7.21 7.45
C LYS A 21 -14.57 8.03 8.58
N SER A 22 -13.26 7.85 8.82
CA SER A 22 -12.57 8.38 9.99
C SER A 22 -12.85 9.86 10.24
N THR A 23 -12.76 10.68 9.19
CA THR A 23 -13.04 12.11 9.21
C THR A 23 -12.04 12.94 10.01
N ARG A 24 -11.76 12.59 11.27
CA ARG A 24 -10.67 13.18 12.03
C ARG A 24 -9.39 13.03 11.21
N LYS A 25 -8.46 14.00 11.31
CA LYS A 25 -7.29 14.14 10.45
C LYS A 25 -6.28 12.98 10.43
N ARG A 26 -6.63 11.79 10.93
CA ARG A 26 -5.78 10.63 10.72
C ARG A 26 -5.69 10.31 9.23
N LEU A 27 -6.66 10.80 8.43
CA LEU A 27 -6.66 10.75 6.97
C LEU A 27 -5.26 10.93 6.42
N ARG A 28 -4.65 12.10 6.67
CA ARG A 28 -3.41 12.51 6.03
C ARG A 28 -2.30 11.51 6.38
N ASP A 29 -2.16 11.24 7.68
CA ASP A 29 -1.16 10.31 8.21
C ASP A 29 -1.33 8.92 7.59
N THR A 30 -2.53 8.37 7.73
CA THR A 30 -2.90 7.04 7.27
C THR A 30 -2.63 6.92 5.77
N LEU A 31 -3.10 7.91 4.99
CA LEU A 31 -2.89 7.97 3.56
C LEU A 31 -1.40 7.89 3.28
N THR A 32 -0.60 8.81 3.81
CA THR A 32 0.83 8.84 3.54
C THR A 32 1.47 7.49 3.87
N SER A 33 1.32 7.04 5.11
CA SER A 33 1.97 5.83 5.58
C SER A 33 1.56 4.63 4.73
N GLU A 34 0.26 4.35 4.66
CA GLU A 34 -0.21 3.16 3.96
C GLU A 34 0.09 3.24 2.47
N LYS A 35 -0.07 4.40 1.84
CA LYS A 35 0.32 4.60 0.46
C LYS A 35 1.80 4.26 0.28
N SER A 36 2.67 4.82 1.12
CA SER A 36 4.10 4.56 1.04
C SER A 36 4.37 3.05 1.13
N LYS A 37 3.81 2.37 2.14
CA LYS A 37 3.92 0.92 2.27
C LYS A 37 3.48 0.22 0.98
N ILE A 38 2.25 0.48 0.51
CA ILE A 38 1.72 -0.14 -0.69
C ILE A 38 2.70 0.04 -1.86
N GLU A 39 3.09 1.28 -2.15
CA GLU A 39 4.01 1.59 -3.25
C GLU A 39 5.32 0.83 -3.07
N THR A 40 5.92 0.91 -1.89
CA THR A 40 7.17 0.24 -1.56
C THR A 40 7.07 -1.26 -1.86
N GLU A 41 6.04 -1.92 -1.31
CA GLU A 41 5.79 -3.34 -1.50
C GLU A 41 5.62 -3.64 -2.99
N LEU A 42 4.78 -2.87 -3.67
CA LEU A 42 4.51 -3.04 -5.09
C LEU A 42 5.83 -3.00 -5.89
N LYS A 43 6.62 -1.95 -5.71
CA LYS A 43 7.89 -1.85 -6.41
C LYS A 43 8.83 -3.00 -6.02
N ASN A 44 8.85 -3.38 -4.74
CA ASN A 44 9.65 -4.54 -4.32
C ASN A 44 9.24 -5.78 -5.11
N LYS A 45 7.93 -6.04 -5.22
CA LYS A 45 7.45 -7.16 -6.01
C LYS A 45 7.87 -7.01 -7.48
N MET A 46 7.76 -5.81 -8.05
CA MET A 46 8.12 -5.57 -9.44
C MET A 46 9.61 -5.82 -9.72
N GLN A 47 10.51 -5.21 -8.93
CA GLN A 47 11.94 -5.19 -9.25
C GLN A 47 12.88 -5.31 -8.05
N GLN A 48 12.36 -5.64 -6.86
CA GLN A 48 13.08 -5.65 -5.59
C GLN A 48 13.76 -4.29 -5.34
N LYS A 49 14.97 -4.12 -5.86
CA LYS A 49 15.73 -2.89 -5.84
C LYS A 49 16.77 -3.03 -6.96
N SER A 50 16.47 -2.47 -8.13
CA SER A 50 17.31 -2.61 -9.31
C SER A 50 18.56 -1.70 -9.23
N GLN A 51 19.44 -2.04 -8.29
CA GLN A 51 20.76 -1.49 -8.00
C GLN A 51 20.98 0.01 -8.23
N LYS A 52 20.96 0.47 -9.48
CA LYS A 52 21.14 1.87 -9.83
C LYS A 52 19.86 2.64 -9.50
N LYS A 53 18.70 2.05 -9.78
CA LYS A 53 17.43 2.75 -9.68
C LYS A 53 16.98 2.82 -8.22
N PRO A 54 16.40 3.95 -7.77
CA PRO A 54 15.90 4.11 -6.42
C PRO A 54 14.59 3.34 -6.23
N GLU A 55 14.65 2.00 -6.28
CA GLU A 55 13.50 1.13 -6.09
C GLU A 55 12.34 1.57 -7.01
N MET A 1 -0.35 -14.65 -8.01
CA MET A 1 -0.05 -13.34 -8.55
C MET A 1 -1.31 -12.49 -8.49
N ALA A 2 -2.40 -13.01 -9.07
CA ALA A 2 -3.73 -12.40 -8.93
C ALA A 2 -4.06 -12.21 -7.44
N SER A 3 -3.66 -13.17 -6.61
CA SER A 3 -3.68 -13.09 -5.17
C SER A 3 -3.00 -11.81 -4.69
N VAL A 4 -1.72 -11.65 -5.03
CA VAL A 4 -0.91 -10.52 -4.63
C VAL A 4 -1.59 -9.21 -5.07
N LEU A 5 -1.98 -9.12 -6.34
CA LEU A 5 -2.69 -7.97 -6.88
C LEU A 5 -3.94 -7.68 -6.05
N GLU A 6 -4.75 -8.69 -5.78
CA GLU A 6 -5.95 -8.57 -4.95
C GLU A 6 -5.60 -7.99 -3.59
N GLU A 7 -4.59 -8.54 -2.92
CA GLU A 7 -4.17 -8.04 -1.61
C GLU A 7 -3.74 -6.57 -1.68
N LEU A 8 -2.94 -6.19 -2.67
CA LEU A 8 -2.54 -4.79 -2.85
C LEU A 8 -3.79 -3.92 -3.06
N GLN A 9 -4.69 -4.34 -3.95
CA GLN A 9 -5.95 -3.64 -4.19
C GLN A 9 -6.76 -3.54 -2.88
N LYS A 10 -6.75 -4.57 -2.05
CA LYS A 10 -7.44 -4.57 -0.78
C LYS A 10 -6.80 -3.57 0.17
N ASP A 11 -5.46 -3.48 0.20
CA ASP A 11 -4.78 -2.45 0.97
C ASP A 11 -5.24 -1.06 0.49
N LEU A 12 -5.32 -0.87 -0.84
CA LEU A 12 -5.93 0.30 -1.44
C LEU A 12 -7.34 0.53 -0.88
N GLU A 13 -8.18 -0.52 -0.86
CA GLU A 13 -9.52 -0.42 -0.32
C GLU A 13 -9.47 0.01 1.15
N GLU A 14 -8.56 -0.56 1.93
CA GLU A 14 -8.40 -0.26 3.34
C GLU A 14 -8.09 1.24 3.52
N VAL A 15 -7.05 1.75 2.85
CA VAL A 15 -6.74 3.17 2.97
C VAL A 15 -7.95 4.01 2.55
N LYS A 16 -8.59 3.71 1.42
CA LYS A 16 -9.78 4.44 0.99
C LYS A 16 -10.86 4.46 2.09
N VAL A 17 -11.22 3.28 2.59
CA VAL A 17 -12.21 3.09 3.64
C VAL A 17 -11.85 3.93 4.87
N LEU A 18 -10.60 3.83 5.36
CA LEU A 18 -10.20 4.60 6.52
C LEU A 18 -10.23 6.10 6.22
N LEU A 19 -9.76 6.52 5.03
CA LEU A 19 -9.77 7.90 4.58
C LEU A 19 -11.17 8.47 4.74
N GLU A 20 -12.17 7.83 4.10
CA GLU A 20 -13.54 8.34 4.16
C GLU A 20 -14.11 8.25 5.58
N LYS A 21 -14.03 7.07 6.23
CA LYS A 21 -14.64 6.88 7.54
C LYS A 21 -13.97 7.76 8.59
N SER A 22 -12.67 7.56 8.81
CA SER A 22 -11.92 8.33 9.79
C SER A 22 -11.52 9.66 9.18
N THR A 23 -12.49 10.53 8.90
CA THR A 23 -12.29 11.84 8.30
C THR A 23 -11.67 12.87 9.29
N ARG A 24 -10.90 12.38 10.26
CA ARG A 24 -10.13 13.14 11.23
C ARG A 24 -8.74 13.41 10.65
N LYS A 25 -7.80 13.92 11.46
CA LYS A 25 -6.38 14.01 11.10
C LYS A 25 -5.86 12.67 10.57
N ARG A 26 -6.46 11.57 11.03
CA ARG A 26 -6.29 10.21 10.53
C ARG A 26 -6.15 10.18 9.01
N LEU A 27 -6.91 11.00 8.28
CA LEU A 27 -6.77 11.17 6.84
C LEU A 27 -5.29 11.25 6.43
N ARG A 28 -4.57 12.20 7.02
CA ARG A 28 -3.19 12.49 6.64
C ARG A 28 -2.31 11.29 6.97
N ASP A 29 -2.46 10.75 8.19
CA ASP A 29 -1.70 9.59 8.64
C ASP A 29 -1.90 8.43 7.68
N THR A 30 -3.15 8.01 7.50
CA THR A 30 -3.49 6.87 6.65
C THR A 30 -3.01 7.12 5.22
N LEU A 31 -3.38 8.26 4.64
CA LEU A 31 -2.94 8.61 3.30
C LEU A 31 -1.43 8.43 3.21
N THR A 32 -0.66 9.17 3.99
CA THR A 32 0.79 9.16 3.89
C THR A 32 1.34 7.75 4.14
N SER A 33 1.11 7.22 5.34
CA SER A 33 1.72 5.96 5.77
C SER A 33 1.21 4.79 4.93
N GLU A 34 -0.11 4.65 4.77
CA GLU A 34 -0.65 3.49 4.09
C GLU A 34 -0.31 3.56 2.59
N LYS A 35 -0.39 4.74 1.96
CA LYS A 35 0.09 4.88 0.59
C LYS A 35 1.57 4.49 0.51
N SER A 36 2.40 5.00 1.44
CA SER A 36 3.80 4.65 1.49
C SER A 36 3.99 3.12 1.52
N LYS A 37 3.31 2.42 2.44
CA LYS A 37 3.32 0.97 2.50
C LYS A 37 2.95 0.36 1.14
N ILE A 38 1.79 0.72 0.59
CA ILE A 38 1.32 0.19 -0.69
C ILE A 38 2.40 0.35 -1.76
N GLU A 39 2.89 1.58 -1.95
CA GLU A 39 3.91 1.90 -2.93
C GLU A 39 5.17 1.06 -2.68
N THR A 40 5.65 1.03 -1.44
CA THR A 40 6.84 0.29 -1.06
C THR A 40 6.69 -1.19 -1.44
N GLU A 41 5.60 -1.81 -1.02
CA GLU A 41 5.30 -3.20 -1.34
C GLU A 41 5.30 -3.42 -2.86
N LEU A 42 4.48 -2.64 -3.57
CA LEU A 42 4.36 -2.70 -5.02
C LEU A 42 5.75 -2.61 -5.68
N LYS A 43 6.52 -1.57 -5.34
CA LYS A 43 7.84 -1.34 -5.91
C LYS A 43 8.83 -2.45 -5.54
N ASN A 44 8.76 -3.00 -4.33
CA ASN A 44 9.59 -4.16 -3.98
C ASN A 44 9.23 -5.32 -4.91
N LYS A 45 7.94 -5.63 -5.01
CA LYS A 45 7.45 -6.74 -5.83
C LYS A 45 7.83 -6.56 -7.30
N MET A 46 7.79 -5.33 -7.82
CA MET A 46 8.27 -5.03 -9.17
C MET A 46 9.78 -5.22 -9.29
N GLN A 47 10.55 -4.47 -8.50
CA GLN A 47 12.00 -4.38 -8.64
C GLN A 47 12.70 -5.68 -8.29
N GLN A 48 12.37 -6.27 -7.14
CA GLN A 48 13.05 -7.46 -6.61
C GLN A 48 14.57 -7.27 -6.66
N LYS A 49 15.32 -8.30 -7.07
CA LYS A 49 16.76 -8.19 -7.26
C LYS A 49 17.05 -7.36 -8.51
N SER A 50 16.91 -6.03 -8.40
CA SER A 50 17.31 -5.07 -9.42
C SER A 50 16.80 -5.47 -10.81
N GLN A 51 15.48 -5.60 -10.93
CA GLN A 51 14.75 -6.08 -12.09
C GLN A 51 15.45 -7.23 -12.84
N LYS A 52 16.07 -8.15 -12.10
CA LYS A 52 16.78 -9.32 -12.60
C LYS A 52 18.08 -8.90 -13.30
N LYS A 53 17.98 -8.22 -14.45
CA LYS A 53 19.14 -7.61 -15.09
C LYS A 53 19.38 -6.25 -14.41
N PRO A 54 20.59 -6.00 -13.86
CA PRO A 54 20.85 -4.85 -13.01
C PRO A 54 20.96 -3.52 -13.76
N GLU A 55 19.87 -3.10 -14.41
CA GLU A 55 19.75 -1.77 -14.97
C GLU A 55 19.70 -0.78 -13.81
#